data_1GYZ
#
_entry.id   1GYZ
#
_cell.length_a   1.000
_cell.length_b   1.000
_cell.length_c   1.000
_cell.angle_alpha   90.00
_cell.angle_beta   90.00
_cell.angle_gamma   90.00
#
_symmetry.space_group_name_H-M   'P 1'
#
_entity_poly.entity_id   1
_entity_poly.type   'polypeptide(L)'
_entity_poly.pdbx_seq_one_letter_code
;WIARINAAVRAYGLNYSTFINGLKKAGIELDRKILADMAVRDPQAFEQVVNKVKEALQVQ
;
_entity_poly.pdbx_strand_id   A
#
# COMPACT_ATOMS: atom_id res chain seq x y z
N TRP A 1 3.52 -9.89 8.64
CA TRP A 1 2.91 -8.68 8.07
C TRP A 1 3.87 -8.07 7.09
N ILE A 2 4.08 -8.80 5.98
CA ILE A 2 5.17 -8.56 5.08
C ILE A 2 4.80 -8.90 3.67
N ALA A 3 4.45 -10.17 3.42
CA ALA A 3 4.18 -10.67 2.12
C ALA A 3 2.70 -10.65 1.95
N ARG A 4 1.98 -10.18 2.98
CA ARG A 4 0.56 -9.96 2.88
C ARG A 4 0.35 -8.64 2.22
N ILE A 5 1.35 -7.74 2.31
CA ILE A 5 1.36 -6.45 1.76
C ILE A 5 1.66 -6.62 0.33
N ASN A 6 2.58 -7.55 0.02
CA ASN A 6 2.95 -7.89 -1.33
C ASN A 6 1.76 -8.47 -2.01
N ALA A 7 1.06 -9.34 -1.26
CA ALA A 7 -0.08 -10.06 -1.76
C ALA A 7 -1.22 -9.13 -2.02
N ALA A 8 -1.29 -8.00 -1.30
CA ALA A 8 -2.40 -7.13 -1.47
C ALA A 8 -2.20 -6.23 -2.67
N VAL A 9 -0.96 -5.78 -2.90
CA VAL A 9 -0.70 -4.71 -3.81
C VAL A 9 -0.44 -5.23 -5.19
N ARG A 10 -0.31 -6.57 -5.34
CA ARG A 10 0.07 -7.18 -6.59
C ARG A 10 -1.09 -7.25 -7.51
N ALA A 11 -2.28 -6.86 -7.02
CA ALA A 11 -3.46 -6.76 -7.81
C ALA A 11 -3.30 -5.63 -8.77
N TYR A 12 -2.62 -4.55 -8.32
CA TYR A 12 -2.58 -3.33 -9.06
C TYR A 12 -1.47 -3.39 -10.06
N GLY A 13 -0.26 -3.77 -9.59
CA GLY A 13 0.89 -3.72 -10.43
C GLY A 13 2.07 -3.35 -9.59
N LEU A 14 1.79 -2.87 -8.35
CA LEU A 14 2.83 -2.59 -7.40
C LEU A 14 3.29 -3.90 -6.91
N ASN A 15 4.57 -3.94 -6.51
CA ASN A 15 5.18 -5.15 -6.07
C ASN A 15 5.66 -4.94 -4.68
N TYR A 16 5.08 -3.91 -4.01
CA TYR A 16 5.32 -3.54 -2.64
C TYR A 16 6.53 -2.66 -2.58
N SER A 17 7.45 -2.74 -3.57
CA SER A 17 8.68 -2.01 -3.52
C SER A 17 8.48 -0.62 -3.98
N THR A 18 7.63 -0.44 -5.01
CA THR A 18 7.41 0.84 -5.59
C THR A 18 6.33 1.51 -4.80
N PHE A 19 5.48 0.68 -4.16
CA PHE A 19 4.47 1.14 -3.26
C PHE A 19 5.17 1.77 -2.11
N ILE A 20 6.29 1.13 -1.70
CA ILE A 20 7.08 1.48 -0.55
C ILE A 20 7.60 2.88 -0.68
N ASN A 21 8.00 3.26 -1.90
CA ASN A 21 8.66 4.53 -2.09
C ASN A 21 7.64 5.60 -2.09
N GLY A 22 6.53 5.24 -2.71
CA GLY A 22 5.38 6.11 -2.85
C GLY A 22 4.69 6.36 -1.54
N LEU A 23 4.93 5.52 -0.51
CA LEU A 23 4.46 5.82 0.81
C LEU A 23 5.12 7.04 1.35
N LYS A 24 6.42 7.23 1.04
CA LYS A 24 7.20 8.31 1.58
C LYS A 24 6.85 9.55 0.81
N LYS A 25 6.43 9.38 -0.45
CA LYS A 25 6.01 10.46 -1.29
C LYS A 25 4.69 10.96 -0.82
N ALA A 26 3.87 10.05 -0.24
CA ALA A 26 2.61 10.40 0.33
C ALA A 26 2.87 11.13 1.61
N GLY A 27 3.86 10.63 2.38
CA GLY A 27 4.27 11.25 3.61
C GLY A 27 3.59 10.52 4.71
N ILE A 28 3.29 9.22 4.45
CA ILE A 28 2.50 8.40 5.30
C ILE A 28 3.37 7.19 5.45
N GLU A 29 4.07 7.04 6.59
CA GLU A 29 5.02 5.98 6.75
C GLU A 29 4.32 4.77 7.26
N LEU A 30 3.85 3.92 6.32
CA LEU A 30 2.90 2.89 6.62
C LEU A 30 3.40 1.57 6.11
N ASP A 31 2.50 0.55 6.06
CA ASP A 31 2.70 -0.82 5.62
C ASP A 31 3.97 -1.38 6.16
N ARG A 32 4.22 -1.16 7.46
CA ARG A 32 5.52 -1.41 7.96
C ARG A 32 5.51 -2.71 8.66
N LYS A 33 4.28 -3.26 8.86
CA LYS A 33 3.91 -4.41 9.62
C LYS A 33 2.71 -3.88 10.32
N ILE A 34 1.59 -4.62 10.18
CA ILE A 34 0.41 -4.58 11.00
C ILE A 34 -0.43 -3.43 10.54
N LEU A 35 -0.20 -3.03 9.27
CA LEU A 35 -1.20 -2.36 8.48
C LEU A 35 -1.67 -3.38 7.58
N ALA A 36 -0.76 -4.31 7.29
CA ALA A 36 -0.89 -5.42 6.43
C ALA A 36 -1.98 -6.32 6.85
N ASP A 37 -2.43 -6.15 8.09
CA ASP A 37 -3.66 -6.72 8.49
C ASP A 37 -4.72 -6.18 7.63
N MET A 38 -4.83 -4.84 7.60
CA MET A 38 -5.91 -4.21 6.89
C MET A 38 -5.76 -4.45 5.43
N ALA A 39 -4.52 -4.68 4.94
CA ALA A 39 -4.25 -4.79 3.53
C ALA A 39 -5.05 -5.87 2.88
N VAL A 40 -5.31 -6.96 3.63
CA VAL A 40 -5.99 -8.09 3.11
C VAL A 40 -7.37 -8.13 3.72
N ARG A 41 -7.43 -7.86 5.03
CA ARG A 41 -8.53 -8.28 5.87
C ARG A 41 -9.53 -7.17 6.00
N ASP A 42 -9.11 -5.89 5.76
CA ASP A 42 -9.98 -4.76 5.71
C ASP A 42 -9.80 -4.04 4.39
N PRO A 43 -10.39 -4.46 3.30
CA PRO A 43 -10.08 -3.93 1.99
C PRO A 43 -10.71 -2.58 1.81
N GLN A 44 -11.55 -2.12 2.76
CA GLN A 44 -12.14 -0.82 2.69
C GLN A 44 -11.07 0.18 2.99
N ALA A 45 -10.35 -0.04 4.12
CA ALA A 45 -9.35 0.87 4.58
C ALA A 45 -8.09 0.67 3.78
N PHE A 46 -7.86 -0.59 3.34
CA PHE A 46 -6.82 -0.82 2.35
C PHE A 46 -6.95 0.08 1.16
N GLU A 47 -8.16 0.21 0.58
CA GLU A 47 -8.34 1.03 -0.60
C GLU A 47 -8.13 2.49 -0.34
N GLN A 48 -8.20 2.94 0.93
CA GLN A 48 -7.94 4.31 1.27
C GLN A 48 -6.48 4.59 1.21
N VAL A 49 -5.66 3.67 1.74
CA VAL A 49 -4.23 3.87 1.80
C VAL A 49 -3.70 3.87 0.40
N VAL A 50 -4.24 2.95 -0.41
CA VAL A 50 -3.89 2.77 -1.79
C VAL A 50 -4.24 4.00 -2.55
N ASN A 51 -5.38 4.64 -2.24
CA ASN A 51 -5.84 5.83 -2.94
C ASN A 51 -4.88 6.96 -2.73
N LYS A 52 -4.35 7.09 -1.50
CA LYS A 52 -3.46 8.17 -1.15
C LYS A 52 -2.13 8.01 -1.82
N VAL A 53 -1.67 6.75 -1.98
CA VAL A 53 -0.40 6.43 -2.59
C VAL A 53 -0.57 6.33 -4.06
N LYS A 54 -1.81 6.34 -4.56
CA LYS A 54 -2.04 6.25 -5.96
C LYS A 54 -1.85 7.61 -6.53
N GLU A 55 -2.27 8.66 -5.81
CA GLU A 55 -2.12 9.98 -6.36
C GLU A 55 -0.74 10.44 -6.17
N ALA A 56 -0.23 10.13 -4.98
CA ALA A 56 1.06 10.55 -4.53
C ALA A 56 2.15 9.92 -5.34
N LEU A 57 1.96 8.66 -5.75
CA LEU A 57 2.96 8.00 -6.53
C LEU A 57 2.52 8.04 -7.94
N GLN A 58 1.49 7.25 -8.23
CA GLN A 58 1.43 6.60 -9.51
C GLN A 58 0.98 7.56 -10.56
N VAL A 59 0.03 8.42 -10.18
CA VAL A 59 -0.72 9.22 -11.10
C VAL A 59 -0.22 10.62 -10.93
N GLN A 60 0.75 10.81 -10.01
CA GLN A 60 1.37 12.08 -9.80
C GLN A 60 1.92 12.67 -11.11
N TRP A 1 2.72 -10.21 8.43
CA TRP A 1 2.57 -8.90 7.74
C TRP A 1 3.76 -8.62 6.86
N ILE A 2 3.91 -9.38 5.74
CA ILE A 2 5.08 -9.28 4.90
C ILE A 2 4.75 -9.71 3.52
N ALA A 3 4.31 -10.99 3.38
CA ALA A 3 3.93 -11.57 2.14
C ALA A 3 2.47 -11.32 2.04
N ARG A 4 1.94 -10.70 3.11
CA ARG A 4 0.60 -10.22 3.18
C ARG A 4 0.54 -9.00 2.33
N ILE A 5 1.55 -8.11 2.45
CA ILE A 5 1.70 -6.89 1.77
C ILE A 5 2.03 -7.16 0.35
N ASN A 6 2.97 -8.10 0.12
CA ASN A 6 3.42 -8.46 -1.19
C ASN A 6 2.26 -8.95 -1.99
N ALA A 7 1.41 -9.74 -1.34
CA ALA A 7 0.29 -10.36 -1.99
C ALA A 7 -0.83 -9.40 -2.15
N ALA A 8 -0.89 -8.34 -1.33
CA ALA A 8 -2.00 -7.43 -1.40
C ALA A 8 -1.83 -6.50 -2.56
N VAL A 9 -0.57 -6.15 -2.89
CA VAL A 9 -0.31 -5.06 -3.76
C VAL A 9 -0.21 -5.54 -5.18
N ARG A 10 -0.08 -6.87 -5.37
CA ARG A 10 -0.08 -7.43 -6.70
C ARG A 10 -1.50 -7.46 -7.16
N ALA A 11 -1.81 -6.50 -8.05
CA ALA A 11 -3.15 -6.22 -8.47
C ALA A 11 -2.99 -4.99 -9.27
N TYR A 12 -2.21 -4.05 -8.70
CA TYR A 12 -2.06 -2.74 -9.26
C TYR A 12 -0.94 -2.77 -10.23
N GLY A 13 0.15 -3.49 -9.86
CA GLY A 13 1.36 -3.48 -10.64
C GLY A 13 2.45 -3.22 -9.67
N LEU A 14 2.06 -2.87 -8.42
CA LEU A 14 2.97 -2.67 -7.34
C LEU A 14 3.41 -4.01 -6.92
N ASN A 15 4.71 -4.07 -6.61
CA ASN A 15 5.40 -5.30 -6.39
C ASN A 15 6.06 -5.28 -5.05
N TYR A 16 5.54 -4.41 -4.15
CA TYR A 16 6.00 -4.19 -2.80
C TYR A 16 7.01 -3.09 -2.81
N SER A 17 7.87 -3.01 -3.86
CA SER A 17 9.01 -2.13 -3.82
C SER A 17 8.60 -0.73 -4.11
N THR A 18 7.58 -0.56 -4.98
CA THR A 18 7.17 0.73 -5.41
C THR A 18 6.09 1.20 -4.49
N PHE A 19 5.44 0.23 -3.82
CA PHE A 19 4.47 0.50 -2.81
C PHE A 19 5.20 1.19 -1.71
N ILE A 20 6.38 0.61 -1.37
CA ILE A 20 7.25 1.01 -0.30
C ILE A 20 7.52 2.49 -0.42
N ASN A 21 7.80 2.94 -1.65
CA ASN A 21 8.29 4.29 -1.87
C ASN A 21 7.21 5.29 -1.76
N GLY A 22 6.10 4.98 -2.44
CA GLY A 22 5.00 5.90 -2.61
C GLY A 22 4.24 6.13 -1.34
N LEU A 23 4.32 5.18 -0.39
CA LEU A 23 3.79 5.39 0.94
C LEU A 23 4.49 6.50 1.63
N LYS A 24 5.81 6.65 1.41
CA LYS A 24 6.58 7.68 2.05
C LYS A 24 6.28 8.98 1.40
N LYS A 25 5.95 8.94 0.09
CA LYS A 25 5.61 10.10 -0.68
C LYS A 25 4.33 10.68 -0.14
N ALA A 26 3.42 9.81 0.34
CA ALA A 26 2.22 10.23 0.97
C ALA A 26 2.51 10.72 2.35
N GLY A 27 2.98 9.81 3.23
CA GLY A 27 3.25 10.08 4.61
C GLY A 27 2.59 9.04 5.45
N ILE A 28 2.46 7.82 4.89
CA ILE A 28 1.88 6.69 5.53
C ILE A 28 3.01 6.06 6.30
N GLU A 29 3.99 5.47 5.56
CA GLU A 29 5.20 4.87 6.08
C GLU A 29 4.89 3.87 7.14
N LEU A 30 3.92 2.99 6.86
CA LEU A 30 3.28 2.25 7.90
C LEU A 30 3.39 0.79 7.57
N ASP A 31 3.82 0.48 6.32
CA ASP A 31 4.02 -0.88 5.89
C ASP A 31 5.29 -1.39 6.44
N ARG A 32 5.52 -2.67 6.08
CA ARG A 32 6.69 -3.47 6.26
C ARG A 32 6.15 -4.57 7.09
N LYS A 33 5.18 -4.19 7.94
CA LYS A 33 4.47 -5.04 8.80
C LYS A 33 3.52 -4.10 9.45
N ILE A 34 2.24 -4.49 9.40
CA ILE A 34 1.14 -3.98 10.16
C ILE A 34 0.71 -2.69 9.55
N LEU A 35 0.00 -2.90 8.44
CA LEU A 35 -0.69 -1.95 7.61
C LEU A 35 -1.15 -2.88 6.58
N ALA A 36 -0.25 -3.85 6.37
CA ALA A 36 -0.51 -5.14 5.86
C ALA A 36 -1.72 -5.74 6.46
N ASP A 37 -1.96 -5.42 7.75
CA ASP A 37 -3.11 -5.84 8.45
C ASP A 37 -4.30 -5.29 7.77
N MET A 38 -4.28 -3.97 7.52
CA MET A 38 -5.39 -3.35 6.86
C MET A 38 -5.48 -3.86 5.44
N ALA A 39 -4.35 -4.23 4.82
CA ALA A 39 -4.31 -4.58 3.44
C ALA A 39 -5.12 -5.82 3.16
N VAL A 40 -5.24 -6.73 4.17
CA VAL A 40 -6.03 -7.91 4.01
C VAL A 40 -7.35 -7.66 4.68
N ARG A 41 -7.30 -7.30 5.97
CA ARG A 41 -8.39 -7.40 6.89
C ARG A 41 -9.35 -6.24 6.78
N ASP A 42 -8.86 -5.03 6.40
CA ASP A 42 -9.67 -3.85 6.33
C ASP A 42 -9.59 -3.26 4.93
N PRO A 43 -10.32 -3.74 3.96
CA PRO A 43 -10.15 -3.35 2.59
C PRO A 43 -10.76 -2.00 2.35
N GLN A 44 -11.48 -1.44 3.35
CA GLN A 44 -11.99 -0.11 3.26
C GLN A 44 -10.80 0.81 3.35
N ALA A 45 -10.02 0.67 4.45
CA ALA A 45 -8.90 1.53 4.70
C ALA A 45 -7.81 1.21 3.72
N PHE A 46 -7.64 -0.07 3.34
CA PHE A 46 -6.70 -0.42 2.30
C PHE A 46 -6.90 0.36 1.04
N GLU A 47 -8.13 0.42 0.51
CA GLU A 47 -8.35 1.06 -0.76
C GLU A 47 -8.28 2.55 -0.65
N GLN A 48 -8.34 3.12 0.57
CA GLN A 48 -8.19 4.53 0.76
C GLN A 48 -6.74 4.91 0.66
N VAL A 49 -5.86 4.05 1.17
CA VAL A 49 -4.44 4.33 1.24
C VAL A 49 -3.86 4.14 -0.12
N VAL A 50 -4.39 3.16 -0.87
CA VAL A 50 -3.94 2.87 -2.20
C VAL A 50 -4.38 3.97 -3.11
N ASN A 51 -5.62 4.48 -2.91
CA ASN A 51 -6.17 5.54 -3.70
C ASN A 51 -5.39 6.79 -3.46
N LYS A 52 -4.86 6.94 -2.22
CA LYS A 52 -4.05 8.06 -1.87
C LYS A 52 -2.81 8.02 -2.69
N VAL A 53 -2.02 6.92 -2.61
CA VAL A 53 -0.71 6.72 -3.20
C VAL A 53 -0.82 6.36 -4.64
N LYS A 54 -2.03 6.40 -5.21
CA LYS A 54 -2.11 6.41 -6.63
C LYS A 54 -1.80 7.79 -7.09
N GLU A 55 -2.53 8.80 -6.61
CA GLU A 55 -2.30 10.13 -7.07
C GLU A 55 -1.10 10.69 -6.38
N ALA A 56 -1.00 10.42 -5.08
CA ALA A 56 0.05 10.94 -4.25
C ALA A 56 1.36 10.31 -4.59
N LEU A 57 1.39 9.16 -5.31
CA LEU A 57 2.65 8.74 -5.84
C LEU A 57 2.99 9.67 -6.93
N GLN A 58 2.33 9.44 -8.07
CA GLN A 58 2.95 9.80 -9.33
C GLN A 58 2.08 10.79 -9.98
N VAL A 59 0.80 10.75 -9.57
CA VAL A 59 -0.29 11.44 -10.18
C VAL A 59 -0.59 10.55 -11.32
N GLN A 60 -0.52 9.26 -10.97
CA GLN A 60 -0.99 8.22 -11.83
C GLN A 60 -2.42 7.95 -11.41
N TRP A 1 5.55 -10.10 8.97
CA TRP A 1 4.83 -8.92 8.43
C TRP A 1 5.34 -8.61 7.06
N ILE A 2 5.57 -9.67 6.26
CA ILE A 2 6.32 -9.53 5.04
C ILE A 2 5.95 -10.52 3.98
N ALA A 3 6.12 -10.10 2.70
CA ALA A 3 5.87 -10.84 1.47
C ALA A 3 4.41 -11.03 1.23
N ARG A 4 3.63 -10.75 2.27
CA ARG A 4 2.23 -10.89 2.42
C ARG A 4 1.62 -9.62 1.92
N ILE A 5 2.45 -8.56 1.84
CA ILE A 5 2.09 -7.26 1.40
C ILE A 5 2.25 -7.29 -0.07
N ASN A 6 3.31 -7.99 -0.51
CA ASN A 6 3.60 -8.20 -1.91
C ASN A 6 2.47 -8.97 -2.50
N ALA A 7 1.87 -9.84 -1.66
CA ALA A 7 0.83 -10.71 -2.11
C ALA A 7 -0.45 -9.96 -2.26
N ALA A 8 -0.61 -8.84 -1.53
CA ALA A 8 -1.81 -8.06 -1.58
C ALA A 8 -1.79 -7.12 -2.74
N VAL A 9 -0.61 -6.51 -3.01
CA VAL A 9 -0.53 -5.35 -3.85
C VAL A 9 -0.26 -5.74 -5.27
N ARG A 10 -0.17 -7.05 -5.56
CA ARG A 10 0.20 -7.55 -6.85
C ARG A 10 -0.91 -7.36 -7.84
N ALA A 11 -2.13 -7.07 -7.34
CA ALA A 11 -3.28 -6.85 -8.16
C ALA A 11 -3.10 -5.58 -8.93
N TYR A 12 -2.50 -4.55 -8.29
CA TYR A 12 -2.37 -3.26 -8.88
C TYR A 12 -1.30 -3.29 -9.91
N GLY A 13 -0.13 -3.86 -9.54
CA GLY A 13 1.03 -3.83 -10.39
C GLY A 13 2.14 -3.35 -9.54
N LEU A 14 1.81 -2.96 -8.30
CA LEU A 14 2.78 -2.65 -7.29
C LEU A 14 3.33 -3.95 -6.87
N ASN A 15 4.61 -3.91 -6.48
CA ASN A 15 5.34 -5.10 -6.16
C ASN A 15 5.94 -4.99 -4.80
N TYR A 16 5.35 -4.11 -3.94
CA TYR A 16 5.77 -3.84 -2.59
C TYR A 16 6.86 -2.80 -2.64
N SER A 17 7.64 -2.71 -3.73
CA SER A 17 8.77 -1.81 -3.81
C SER A 17 8.30 -0.44 -4.15
N THR A 18 7.32 -0.34 -5.06
CA THR A 18 6.85 0.92 -5.54
C THR A 18 5.80 1.41 -4.60
N PHE A 19 5.15 0.44 -3.92
CA PHE A 19 4.23 0.69 -2.85
C PHE A 19 5.00 1.41 -1.80
N ILE A 20 6.21 0.87 -1.52
CA ILE A 20 7.10 1.32 -0.48
C ILE A 20 7.38 2.78 -0.64
N ASN A 21 7.55 3.25 -1.90
CA ASN A 21 8.00 4.58 -2.17
C ASN A 21 6.91 5.57 -1.98
N GLY A 22 5.77 5.27 -2.60
CA GLY A 22 4.71 6.24 -2.71
C GLY A 22 3.97 6.41 -1.41
N LEU A 23 4.06 5.43 -0.50
CA LEU A 23 3.57 5.60 0.85
C LEU A 23 4.31 6.70 1.52
N LYS A 24 5.66 6.71 1.40
CA LYS A 24 6.52 7.65 2.06
C LYS A 24 6.28 9.01 1.50
N LYS A 25 5.94 9.07 0.19
CA LYS A 25 5.69 10.29 -0.50
C LYS A 25 4.45 10.92 0.04
N ALA A 26 3.46 10.10 0.43
CA ALA A 26 2.25 10.59 1.03
C ALA A 26 2.54 11.04 2.44
N GLY A 27 3.29 10.22 3.20
CA GLY A 27 3.68 10.53 4.55
C GLY A 27 3.13 9.47 5.44
N ILE A 28 2.97 8.25 4.89
CA ILE A 28 2.43 7.14 5.57
C ILE A 28 3.64 6.35 5.98
N GLU A 29 4.40 5.83 4.99
CA GLU A 29 5.64 5.10 5.15
C GLU A 29 5.40 3.90 6.02
N LEU A 30 4.25 3.24 5.82
CA LEU A 30 3.77 2.28 6.76
C LEU A 30 3.48 1.03 6.00
N ASP A 31 4.04 -0.11 6.46
CA ASP A 31 3.77 -1.41 5.90
C ASP A 31 3.69 -2.27 7.09
N ARG A 32 4.22 -3.51 6.96
CA ARG A 32 4.07 -4.57 7.91
C ARG A 32 2.70 -5.15 7.74
N LYS A 33 2.34 -6.18 8.55
CA LYS A 33 1.03 -6.79 8.61
C LYS A 33 0.40 -6.19 9.81
N ILE A 34 1.02 -5.09 10.21
CA ILE A 34 0.54 -4.19 11.21
C ILE A 34 -0.05 -3.11 10.35
N LEU A 35 0.14 -3.21 9.00
CA LEU A 35 -0.63 -2.31 8.13
C LEU A 35 -1.45 -3.13 7.29
N ALA A 36 -0.82 -4.20 6.82
CA ALA A 36 -1.37 -5.02 5.80
C ALA A 36 -2.30 -5.99 6.41
N ASP A 37 -2.53 -5.82 7.72
CA ASP A 37 -3.73 -6.27 8.32
C ASP A 37 -4.82 -5.57 7.65
N MET A 38 -4.68 -4.24 7.54
CA MET A 38 -5.76 -3.48 6.98
C MET A 38 -5.87 -3.80 5.51
N ALA A 39 -4.78 -4.25 4.86
CA ALA A 39 -4.78 -4.49 3.43
C ALA A 39 -5.83 -5.46 3.02
N VAL A 40 -5.98 -6.56 3.78
CA VAL A 40 -6.87 -7.61 3.40
C VAL A 40 -8.11 -7.48 4.23
N ARG A 41 -7.91 -7.18 5.53
CA ARG A 41 -8.93 -7.38 6.53
C ARG A 41 -9.77 -6.14 6.69
N ASP A 42 -9.23 -4.94 6.35
CA ASP A 42 -9.99 -3.71 6.35
C ASP A 42 -9.88 -3.05 4.99
N PRO A 43 -10.53 -3.52 3.96
CA PRO A 43 -10.32 -3.06 2.60
C PRO A 43 -10.97 -1.73 2.40
N GLN A 44 -11.73 -1.22 3.40
CA GLN A 44 -12.29 0.10 3.33
C GLN A 44 -11.17 1.07 3.49
N ALA A 45 -10.30 0.84 4.50
CA ALA A 45 -9.31 1.80 4.85
C ALA A 45 -8.13 1.56 3.96
N PHE A 46 -7.88 0.27 3.61
CA PHE A 46 -6.89 -0.02 2.60
C PHE A 46 -7.13 0.71 1.32
N GLU A 47 -8.39 0.76 0.82
CA GLU A 47 -8.66 1.33 -0.47
C GLU A 47 -8.43 2.82 -0.47
N GLN A 48 -8.59 3.47 0.70
CA GLN A 48 -8.37 4.88 0.85
C GLN A 48 -6.91 5.21 0.78
N VAL A 49 -6.07 4.33 1.38
CA VAL A 49 -4.65 4.53 1.43
C VAL A 49 -4.12 4.38 0.04
N VAL A 50 -4.63 3.36 -0.68
CA VAL A 50 -4.24 3.03 -2.02
C VAL A 50 -4.58 4.14 -2.95
N ASN A 51 -5.76 4.77 -2.73
CA ASN A 51 -6.25 5.81 -3.58
C ASN A 51 -5.36 7.00 -3.48
N LYS A 52 -4.88 7.32 -2.26
CA LYS A 52 -4.05 8.47 -2.05
C LYS A 52 -2.66 8.23 -2.59
N VAL A 53 -2.17 6.98 -2.49
CA VAL A 53 -0.83 6.60 -2.86
C VAL A 53 -0.77 6.22 -4.30
N LYS A 54 -1.92 6.23 -4.99
CA LYS A 54 -1.88 6.10 -6.42
C LYS A 54 -1.41 7.41 -6.97
N GLU A 55 -1.75 8.49 -6.27
CA GLU A 55 -1.56 9.83 -6.72
C GLU A 55 -0.28 10.38 -6.19
N ALA A 56 0.08 9.87 -5.00
CA ALA A 56 1.34 10.20 -4.38
C ALA A 56 2.41 9.40 -5.05
N LEU A 57 2.03 8.26 -5.67
CA LEU A 57 2.94 7.54 -6.53
C LEU A 57 3.06 8.37 -7.75
N GLN A 58 1.92 8.98 -8.12
CA GLN A 58 1.83 9.87 -9.24
C GLN A 58 2.04 9.08 -10.49
N VAL A 59 1.22 8.02 -10.61
CA VAL A 59 1.02 7.26 -11.80
C VAL A 59 -0.32 7.77 -12.27
N GLN A 60 -0.94 8.59 -11.40
CA GLN A 60 -2.16 9.28 -11.73
C GLN A 60 -2.00 10.07 -13.04
N TRP A 1 3.18 -9.82 8.82
CA TRP A 1 2.64 -8.68 8.06
C TRP A 1 3.65 -8.23 7.05
N ILE A 2 3.81 -9.03 5.97
CA ILE A 2 4.95 -8.94 5.09
C ILE A 2 4.64 -9.40 3.71
N ALA A 3 4.28 -10.68 3.55
CA ALA A 3 4.05 -11.29 2.28
C ALA A 3 2.62 -11.08 1.96
N ARG A 4 1.84 -10.61 2.95
CA ARG A 4 0.46 -10.28 2.75
C ARG A 4 0.37 -8.94 2.06
N ILE A 5 1.43 -8.10 2.17
CA ILE A 5 1.54 -6.84 1.55
C ILE A 5 1.88 -7.05 0.12
N ASN A 6 2.80 -8.00 -0.13
CA ASN A 6 3.27 -8.31 -1.46
C ASN A 6 2.12 -8.84 -2.24
N ALA A 7 1.31 -9.64 -1.53
CA ALA A 7 0.17 -10.29 -2.10
C ALA A 7 -0.95 -9.32 -2.31
N ALA A 8 -0.95 -8.21 -1.54
CA ALA A 8 -2.01 -7.24 -1.69
C ALA A 8 -1.80 -6.41 -2.92
N VAL A 9 -0.54 -6.00 -3.16
CA VAL A 9 -0.27 -4.90 -4.06
C VAL A 9 -0.03 -5.37 -5.45
N ARG A 10 0.00 -6.71 -5.66
CA ARG A 10 0.36 -7.27 -6.93
C ARG A 10 -0.81 -7.24 -7.89
N ALA A 11 -1.97 -6.74 -7.42
CA ALA A 11 -3.08 -6.49 -8.29
C ALA A 11 -2.77 -5.29 -9.13
N TYR A 12 -2.07 -4.30 -8.54
CA TYR A 12 -1.92 -3.00 -9.15
C TYR A 12 -0.84 -3.06 -10.18
N GLY A 13 0.34 -3.60 -9.80
CA GLY A 13 1.50 -3.52 -10.64
C GLY A 13 2.62 -3.15 -9.72
N LEU A 14 2.24 -2.72 -8.51
CA LEU A 14 3.17 -2.45 -7.46
C LEU A 14 3.64 -3.76 -6.98
N ASN A 15 4.93 -3.78 -6.61
CA ASN A 15 5.62 -4.99 -6.34
C ASN A 15 6.18 -4.95 -4.97
N TYR A 16 5.57 -4.12 -4.09
CA TYR A 16 5.95 -3.92 -2.71
C TYR A 16 7.06 -2.90 -2.65
N SER A 17 7.89 -2.78 -3.70
CA SER A 17 9.04 -1.92 -3.72
C SER A 17 8.64 -0.52 -4.08
N THR A 18 7.75 -0.38 -5.08
CA THR A 18 7.35 0.90 -5.56
C THR A 18 6.22 1.37 -4.69
N PHE A 19 5.56 0.39 -4.03
CA PHE A 19 4.59 0.65 -3.02
C PHE A 19 5.28 1.30 -1.89
N ILE A 20 6.47 0.77 -1.57
CA ILE A 20 7.30 1.17 -0.46
C ILE A 20 7.57 2.64 -0.55
N ASN A 21 7.81 3.16 -1.78
CA ASN A 21 8.25 4.52 -1.94
C ASN A 21 7.12 5.46 -1.85
N GLY A 22 6.06 5.12 -2.60
CA GLY A 22 4.95 6.00 -2.81
C GLY A 22 4.10 6.18 -1.57
N LEU A 23 4.17 5.22 -0.63
CA LEU A 23 3.58 5.37 0.67
C LEU A 23 4.18 6.51 1.39
N LYS A 24 5.52 6.59 1.38
CA LYS A 24 6.27 7.57 2.13
C LYS A 24 6.09 8.90 1.49
N LYS A 25 5.80 8.89 0.18
CA LYS A 25 5.60 10.07 -0.60
C LYS A 25 4.31 10.70 -0.18
N ALA A 26 3.32 9.85 0.19
CA ALA A 26 2.07 10.31 0.75
C ALA A 26 2.32 10.77 2.15
N GLY A 27 3.03 9.95 2.96
CA GLY A 27 3.38 10.28 4.32
C GLY A 27 2.71 9.29 5.20
N ILE A 28 2.54 8.06 4.68
CA ILE A 28 1.85 7.00 5.33
C ILE A 28 2.95 6.15 5.89
N GLU A 29 3.81 5.58 5.00
CA GLU A 29 4.88 4.65 5.25
C GLU A 29 4.58 3.76 6.41
N LEU A 30 3.63 2.84 6.17
CA LEU A 30 2.95 2.18 7.24
C LEU A 30 3.12 0.71 7.02
N ASP A 31 3.58 0.32 5.81
CA ASP A 31 3.85 -1.06 5.49
C ASP A 31 5.10 -1.49 6.14
N ARG A 32 5.41 -2.77 5.85
CA ARG A 32 6.58 -3.51 6.16
C ARG A 32 6.17 -4.34 7.31
N LYS A 33 5.13 -3.85 8.03
CA LYS A 33 4.52 -4.50 9.12
C LYS A 33 3.38 -3.59 9.44
N ILE A 34 2.17 -4.16 9.33
CA ILE A 34 0.96 -3.72 9.97
C ILE A 34 0.43 -2.54 9.23
N LEU A 35 -0.27 -2.92 8.15
CA LEU A 35 -0.93 -2.10 7.18
C LEU A 35 -1.38 -3.15 6.28
N ALA A 36 -0.48 -4.13 6.20
CA ALA A 36 -0.70 -5.45 5.71
C ALA A 36 -1.85 -6.06 6.41
N ASP A 37 -2.07 -5.67 7.68
CA ASP A 37 -3.20 -6.08 8.41
C ASP A 37 -4.37 -5.55 7.69
N MET A 38 -4.37 -4.25 7.46
CA MET A 38 -5.52 -3.60 6.93
C MET A 38 -5.74 -4.04 5.50
N ALA A 39 -4.69 -4.55 4.81
CA ALA A 39 -4.81 -5.06 3.47
C ALA A 39 -5.75 -6.21 3.42
N VAL A 40 -5.71 -7.08 4.45
CA VAL A 40 -6.54 -8.24 4.48
C VAL A 40 -7.82 -7.87 5.18
N ARG A 41 -7.72 -7.51 6.48
CA ARG A 41 -8.85 -7.47 7.35
C ARG A 41 -9.67 -6.20 7.25
N ASP A 42 -9.07 -5.06 6.82
CA ASP A 42 -9.77 -3.82 6.61
C ASP A 42 -9.64 -3.28 5.21
N PRO A 43 -10.24 -3.85 4.19
CA PRO A 43 -9.98 -3.49 2.82
C PRO A 43 -10.63 -2.18 2.48
N GLN A 44 -11.44 -1.61 3.39
CA GLN A 44 -12.00 -0.31 3.23
C GLN A 44 -10.89 0.68 3.37
N ALA A 45 -10.04 0.52 4.41
CA ALA A 45 -9.07 1.50 4.75
C ALA A 45 -7.89 1.21 3.89
N PHE A 46 -7.66 -0.07 3.55
CA PHE A 46 -6.65 -0.38 2.57
C PHE A 46 -6.83 0.35 1.28
N GLU A 47 -8.06 0.38 0.73
CA GLU A 47 -8.26 1.00 -0.56
C GLU A 47 -8.17 2.50 -0.50
N GLN A 48 -8.31 3.09 0.71
CA GLN A 48 -8.17 4.52 0.88
C GLN A 48 -6.73 4.90 0.87
N VAL A 49 -5.87 4.03 1.43
CA VAL A 49 -4.45 4.23 1.52
C VAL A 49 -3.89 4.10 0.15
N VAL A 50 -4.44 3.14 -0.62
CA VAL A 50 -4.03 2.87 -1.97
C VAL A 50 -4.38 4.04 -2.83
N ASN A 51 -5.53 4.69 -2.55
CA ASN A 51 -5.96 5.84 -3.30
C ASN A 51 -5.01 6.99 -3.09
N LYS A 52 -4.53 7.17 -1.84
CA LYS A 52 -3.61 8.24 -1.53
C LYS A 52 -2.29 8.01 -2.19
N VAL A 53 -1.87 6.74 -2.36
CA VAL A 53 -0.60 6.39 -2.93
C VAL A 53 -0.72 6.33 -4.41
N LYS A 54 -1.93 6.33 -4.96
CA LYS A 54 -2.07 6.28 -6.38
C LYS A 54 -1.86 7.65 -6.92
N GLU A 55 -2.22 8.68 -6.14
CA GLU A 55 -2.10 10.03 -6.61
C GLU A 55 -0.79 10.59 -6.22
N ALA A 56 -0.37 10.19 -5.02
CA ALA A 56 0.90 10.58 -4.45
C ALA A 56 2.02 9.98 -5.22
N LEU A 57 1.88 8.71 -5.67
CA LEU A 57 2.90 8.08 -6.48
C LEU A 57 2.81 8.78 -7.78
N GLN A 58 1.57 9.08 -8.16
CA GLN A 58 1.27 9.73 -9.40
C GLN A 58 1.53 8.73 -10.47
N VAL A 59 0.92 7.54 -10.27
CA VAL A 59 0.76 6.54 -11.27
C VAL A 59 -0.59 6.88 -11.85
N GLN A 60 -1.27 7.84 -11.18
CA GLN A 60 -2.50 8.38 -11.67
C GLN A 60 -2.29 9.04 -13.03
N TRP A 1 3.71 -10.08 8.99
CA TRP A 1 2.73 -9.24 8.27
C TRP A 1 3.37 -8.76 7.01
N ILE A 2 4.25 -9.59 6.38
CA ILE A 2 4.78 -9.23 5.09
C ILE A 2 5.07 -10.46 4.24
N ALA A 3 4.12 -11.41 4.21
CA ALA A 3 3.96 -12.22 3.04
C ALA A 3 2.76 -11.67 2.35
N ARG A 4 1.94 -10.93 3.13
CA ARG A 4 0.63 -10.57 2.76
C ARG A 4 0.53 -9.36 1.89
N ILE A 5 1.34 -8.30 2.14
CA ILE A 5 1.29 -7.10 1.38
C ILE A 5 1.89 -7.36 0.05
N ASN A 6 2.88 -8.27 0.01
CA ASN A 6 3.55 -8.65 -1.18
C ASN A 6 2.53 -9.25 -2.10
N ALA A 7 1.68 -10.11 -1.52
CA ALA A 7 0.69 -10.85 -2.25
C ALA A 7 -0.53 -10.02 -2.50
N ALA A 8 -0.71 -8.88 -1.79
CA ALA A 8 -1.92 -8.13 -1.90
C ALA A 8 -1.83 -7.21 -3.07
N VAL A 9 -0.67 -6.56 -3.22
CA VAL A 9 -0.56 -5.39 -4.05
C VAL A 9 -0.17 -5.75 -5.44
N ARG A 10 0.03 -7.06 -5.70
CA ARG A 10 0.47 -7.56 -6.98
C ARG A 10 -0.62 -7.44 -8.00
N ALA A 11 -1.86 -7.19 -7.54
CA ALA A 11 -2.99 -6.98 -8.39
C ALA A 11 -2.86 -5.68 -9.12
N TYR A 12 -2.27 -4.66 -8.46
CA TYR A 12 -2.24 -3.34 -9.01
C TYR A 12 -1.14 -3.26 -10.01
N GLY A 13 0.08 -3.63 -9.59
CA GLY A 13 1.25 -3.38 -10.38
C GLY A 13 2.33 -2.97 -9.43
N LEU A 14 1.94 -2.69 -8.17
CA LEU A 14 2.90 -2.50 -7.12
C LEU A 14 3.37 -3.87 -6.80
N ASN A 15 4.61 -3.97 -6.30
CA ASN A 15 5.20 -5.23 -6.01
C ASN A 15 5.64 -5.26 -4.59
N TYR A 16 5.16 -4.26 -3.79
CA TYR A 16 5.50 -3.99 -2.41
C TYR A 16 6.55 -2.92 -2.45
N SER A 17 7.50 -3.00 -3.41
CA SER A 17 8.69 -2.20 -3.36
C SER A 17 8.45 -0.83 -3.85
N THR A 18 7.55 -0.70 -4.84
CA THR A 18 7.29 0.58 -5.43
C THR A 18 6.22 1.24 -4.62
N PHE A 19 5.46 0.42 -3.86
CA PHE A 19 4.45 0.89 -2.98
C PHE A 19 5.16 1.65 -1.91
N ILE A 20 6.28 1.06 -1.44
CA ILE A 20 7.14 1.53 -0.39
C ILE A 20 7.61 2.92 -0.68
N ASN A 21 7.98 3.19 -1.94
CA ASN A 21 8.55 4.47 -2.29
C ASN A 21 7.51 5.52 -2.24
N GLY A 22 6.36 5.17 -2.81
CA GLY A 22 5.26 6.09 -2.93
C GLY A 22 4.53 6.30 -1.64
N LEU A 23 4.82 5.50 -0.59
CA LEU A 23 4.33 5.83 0.73
C LEU A 23 4.92 7.09 1.24
N LYS A 24 6.16 7.42 0.83
CA LYS A 24 6.87 8.56 1.33
C LYS A 24 6.27 9.76 0.69
N LYS A 25 5.78 9.59 -0.54
CA LYS A 25 5.10 10.62 -1.28
C LYS A 25 3.81 10.92 -0.58
N ALA A 26 3.14 9.89 -0.03
CA ALA A 26 1.89 10.04 0.66
C ALA A 26 2.10 10.70 1.99
N GLY A 27 2.77 9.98 2.90
CA GLY A 27 2.99 10.40 4.25
C GLY A 27 2.35 9.40 5.16
N ILE A 28 2.40 8.13 4.74
CA ILE A 28 1.80 7.03 5.42
C ILE A 28 2.99 6.33 6.02
N GLU A 29 3.87 5.78 5.16
CA GLU A 29 5.12 5.13 5.50
C GLU A 29 4.91 4.08 6.54
N LEU A 30 3.95 3.17 6.26
CA LEU A 30 3.38 2.35 7.27
C LEU A 30 3.45 0.89 6.89
N ASP A 31 3.49 0.57 5.56
CA ASP A 31 3.62 -0.82 5.17
C ASP A 31 5.01 -1.20 5.46
N ARG A 32 5.15 -2.45 5.89
CA ARG A 32 6.38 -3.08 6.20
C ARG A 32 5.88 -4.32 6.81
N LYS A 33 4.79 -4.14 7.57
CA LYS A 33 4.23 -5.06 8.48
C LYS A 33 3.28 -4.12 9.13
N ILE A 34 2.03 -4.58 9.25
CA ILE A 34 0.99 -3.98 10.02
C ILE A 34 0.57 -2.69 9.37
N LEU A 35 -0.22 -2.93 8.33
CA LEU A 35 -0.96 -2.01 7.53
C LEU A 35 -1.34 -2.96 6.49
N ALA A 36 -0.37 -3.86 6.31
CA ALA A 36 -0.49 -5.19 5.84
C ALA A 36 -1.73 -5.83 6.34
N ASP A 37 -2.02 -5.55 7.62
CA ASP A 37 -3.16 -6.01 8.30
C ASP A 37 -4.29 -5.55 7.49
N MET A 38 -4.44 -4.23 7.36
CA MET A 38 -5.62 -3.68 6.75
C MET A 38 -5.70 -4.04 5.29
N ALA A 39 -4.56 -4.34 4.64
CA ALA A 39 -4.51 -4.73 3.25
C ALA A 39 -5.32 -5.95 2.98
N VAL A 40 -5.45 -6.84 3.98
CA VAL A 40 -6.21 -8.05 3.84
C VAL A 40 -7.58 -7.82 4.41
N ARG A 41 -7.63 -7.48 5.71
CA ARG A 41 -8.81 -7.69 6.51
C ARG A 41 -9.74 -6.51 6.49
N ASP A 42 -9.21 -5.30 6.22
CA ASP A 42 -9.98 -4.08 6.15
C ASP A 42 -9.79 -3.42 4.80
N PRO A 43 -10.43 -3.83 3.74
CA PRO A 43 -10.18 -3.30 2.43
C PRO A 43 -10.81 -1.95 2.27
N GLN A 44 -11.58 -1.47 3.26
CA GLN A 44 -12.16 -0.17 3.22
C GLN A 44 -11.07 0.81 3.47
N ALA A 45 -10.27 0.57 4.54
CA ALA A 45 -9.20 1.44 4.92
C ALA A 45 -8.03 1.20 4.00
N PHE A 46 -7.86 -0.05 3.54
CA PHE A 46 -6.86 -0.29 2.52
C PHE A 46 -7.06 0.53 1.28
N GLU A 47 -8.31 0.73 0.82
CA GLU A 47 -8.53 1.51 -0.37
C GLU A 47 -8.22 2.96 -0.17
N GLN A 48 -8.23 3.44 1.09
CA GLN A 48 -7.86 4.81 1.37
C GLN A 48 -6.38 4.98 1.24
N VAL A 49 -5.61 3.96 1.68
CA VAL A 49 -4.17 4.00 1.66
C VAL A 49 -3.72 4.04 0.25
N VAL A 50 -4.33 3.17 -0.57
CA VAL A 50 -3.98 2.98 -1.95
C VAL A 50 -4.31 4.22 -2.71
N ASN A 51 -5.42 4.88 -2.37
CA ASN A 51 -5.87 6.05 -3.07
C ASN A 51 -4.98 7.22 -2.78
N LYS A 52 -4.39 7.27 -1.57
CA LYS A 52 -3.53 8.35 -1.21
C LYS A 52 -2.26 8.23 -1.99
N VAL A 53 -1.70 7.00 -2.07
CA VAL A 53 -0.43 6.70 -2.68
C VAL A 53 -0.54 6.79 -4.16
N LYS A 54 -1.72 6.53 -4.75
CA LYS A 54 -1.77 6.50 -6.18
C LYS A 54 -1.68 7.89 -6.69
N GLU A 55 -2.33 8.84 -6.04
CA GLU A 55 -2.26 10.20 -6.50
C GLU A 55 -0.94 10.76 -6.20
N ALA A 56 -0.51 10.58 -4.94
CA ALA A 56 0.67 11.20 -4.42
C ALA A 56 1.88 10.74 -5.19
N LEU A 57 1.86 9.48 -5.66
CA LEU A 57 2.95 8.96 -6.43
C LEU A 57 2.56 8.94 -7.86
N GLN A 58 1.74 7.91 -8.19
CA GLN A 58 1.81 7.27 -9.47
C GLN A 58 1.45 8.19 -10.58
N VAL A 59 0.23 8.73 -10.51
CA VAL A 59 -0.32 9.57 -11.51
C VAL A 59 0.19 10.96 -11.24
N GLN A 60 0.68 11.26 -10.01
CA GLN A 60 1.36 12.53 -9.84
C GLN A 60 2.53 12.52 -10.84
N TRP A 1 3.24 -9.75 8.76
CA TRP A 1 2.78 -8.53 8.06
C TRP A 1 3.84 -8.07 7.12
N ILE A 2 3.85 -8.68 5.91
CA ILE A 2 4.96 -8.54 4.98
C ILE A 2 4.55 -8.88 3.59
N ALA A 3 4.16 -10.15 3.36
CA ALA A 3 3.92 -10.68 2.07
C ALA A 3 2.46 -10.61 1.83
N ARG A 4 1.71 -10.10 2.82
CA ARG A 4 0.31 -9.89 2.69
C ARG A 4 0.12 -8.61 1.94
N ILE A 5 1.08 -7.68 2.08
CA ILE A 5 1.16 -6.43 1.42
C ILE A 5 1.53 -6.67 0.00
N ASN A 6 2.50 -7.59 -0.21
CA ASN A 6 2.98 -7.93 -1.51
C ASN A 6 1.88 -8.58 -2.29
N ALA A 7 1.09 -9.41 -1.58
CA ALA A 7 0.01 -10.14 -2.15
C ALA A 7 -1.13 -9.22 -2.44
N ALA A 8 -1.23 -8.09 -1.69
CA ALA A 8 -2.34 -7.22 -1.90
C ALA A 8 -2.15 -6.41 -3.15
N VAL A 9 -0.89 -5.98 -3.41
CA VAL A 9 -0.65 -4.92 -4.35
C VAL A 9 -0.31 -5.45 -5.71
N ARG A 10 -0.32 -6.79 -5.89
CA ARG A 10 0.10 -7.40 -7.12
C ARG A 10 -0.95 -7.24 -8.18
N ALA A 11 -2.16 -6.83 -7.76
CA ALA A 11 -3.24 -6.57 -8.66
C ALA A 11 -2.97 -5.32 -9.42
N TYR A 12 -2.28 -4.35 -8.78
CA TYR A 12 -2.10 -3.04 -9.35
C TYR A 12 -1.00 -3.12 -10.34
N GLY A 13 0.12 -3.78 -9.97
CA GLY A 13 1.28 -3.85 -10.81
C GLY A 13 2.44 -3.54 -9.92
N LEU A 14 2.12 -3.06 -8.71
CA LEU A 14 3.10 -2.78 -7.70
C LEU A 14 3.51 -4.08 -7.13
N ASN A 15 4.75 -4.07 -6.61
CA ASN A 15 5.37 -5.26 -6.11
C ASN A 15 5.71 -5.02 -4.69
N TYR A 16 5.10 -3.97 -4.10
CA TYR A 16 5.22 -3.57 -2.72
C TYR A 16 6.40 -2.68 -2.54
N SER A 17 7.38 -2.73 -3.47
CA SER A 17 8.59 -1.97 -3.35
C SER A 17 8.37 -0.57 -3.83
N THR A 18 7.57 -0.43 -4.90
CA THR A 18 7.34 0.86 -5.50
C THR A 18 6.21 1.50 -4.74
N PHE A 19 5.36 0.65 -4.14
CA PHE A 19 4.33 1.07 -3.25
C PHE A 19 5.02 1.73 -2.10
N ILE A 20 6.13 1.08 -1.65
CA ILE A 20 6.89 1.46 -0.49
C ILE A 20 7.45 2.85 -0.64
N ASN A 21 7.87 3.22 -1.87
CA ASN A 21 8.46 4.51 -2.08
C ASN A 21 7.43 5.56 -1.97
N GLY A 22 6.30 5.28 -2.63
CA GLY A 22 5.21 6.22 -2.72
C GLY A 22 4.49 6.40 -1.42
N LEU A 23 4.69 5.50 -0.44
CA LEU A 23 4.18 5.72 0.89
C LEU A 23 4.80 6.92 1.53
N LYS A 24 6.10 7.16 1.25
CA LYS A 24 6.86 8.23 1.84
C LYS A 24 6.34 9.51 1.27
N LYS A 25 6.02 9.48 -0.04
CA LYS A 25 5.50 10.61 -0.75
C LYS A 25 4.16 10.98 -0.20
N ALA A 26 3.36 9.97 0.23
CA ALA A 26 2.05 10.20 0.76
C ALA A 26 2.18 10.79 2.14
N GLY A 27 2.83 10.07 3.06
CA GLY A 27 3.02 10.48 4.42
C GLY A 27 2.28 9.52 5.28
N ILE A 28 2.25 8.25 4.84
CA ILE A 28 1.58 7.18 5.50
C ILE A 28 2.71 6.42 6.10
N GLU A 29 3.49 5.74 5.23
CA GLU A 29 4.69 4.99 5.54
C GLU A 29 4.43 4.08 6.69
N LEU A 30 3.41 3.22 6.50
CA LEU A 30 2.79 2.53 7.58
C LEU A 30 2.85 1.06 7.30
N ASP A 31 3.23 0.71 6.05
CA ASP A 31 3.34 -0.67 5.62
C ASP A 31 4.68 -1.15 6.06
N ARG A 32 5.07 -2.33 5.51
CA ARG A 32 6.26 -3.08 5.78
C ARG A 32 5.93 -4.01 6.90
N LYS A 33 4.96 -3.60 7.75
CA LYS A 33 4.53 -4.32 8.88
C LYS A 33 3.45 -3.46 9.44
N ILE A 34 2.24 -4.06 9.47
CA ILE A 34 1.13 -3.69 10.28
C ILE A 34 0.46 -2.52 9.64
N LEU A 35 -0.38 -2.89 8.67
CA LEU A 35 -1.17 -2.07 7.83
C LEU A 35 -1.57 -3.07 6.85
N ALA A 36 -0.61 -3.99 6.67
CA ALA A 36 -0.76 -5.25 6.05
C ALA A 36 -1.83 -6.05 6.71
N ASP A 37 -2.08 -5.74 8.01
CA ASP A 37 -3.20 -6.28 8.69
C ASP A 37 -4.37 -5.79 7.94
N MET A 38 -4.47 -4.47 7.79
CA MET A 38 -5.62 -3.87 7.15
C MET A 38 -5.68 -4.25 5.69
N ALA A 39 -4.58 -4.73 5.07
CA ALA A 39 -4.58 -5.12 3.69
C ALA A 39 -5.51 -6.27 3.46
N VAL A 40 -5.54 -7.22 4.40
CA VAL A 40 -6.35 -8.40 4.27
C VAL A 40 -7.64 -8.13 4.99
N ARG A 41 -7.51 -7.59 6.21
CA ARG A 41 -8.53 -7.60 7.20
C ARG A 41 -9.50 -6.46 7.02
N ASP A 42 -9.01 -5.26 6.62
CA ASP A 42 -9.82 -4.08 6.41
C ASP A 42 -9.61 -3.53 5.03
N PRO A 43 -10.11 -4.10 3.97
CA PRO A 43 -9.77 -3.73 2.63
C PRO A 43 -10.43 -2.42 2.26
N GLN A 44 -11.32 -1.89 3.12
CA GLN A 44 -11.91 -0.60 2.93
C GLN A 44 -10.86 0.44 3.13
N ALA A 45 -10.05 0.30 4.20
CA ALA A 45 -9.14 1.33 4.59
C ALA A 45 -7.85 1.05 3.93
N PHE A 46 -7.58 -0.24 3.62
CA PHE A 46 -6.50 -0.51 2.70
C PHE A 46 -6.68 0.20 1.39
N GLU A 47 -7.91 0.26 0.83
CA GLU A 47 -8.15 0.93 -0.42
C GLU A 47 -8.00 2.42 -0.32
N GLN A 48 -8.07 2.98 0.90
CA GLN A 48 -7.87 4.40 1.10
C GLN A 48 -6.40 4.71 1.03
N VAL A 49 -5.57 3.80 1.58
CA VAL A 49 -4.14 3.97 1.58
C VAL A 49 -3.67 3.89 0.17
N VAL A 50 -4.21 2.93 -0.59
CA VAL A 50 -3.88 2.68 -1.95
C VAL A 50 -4.24 3.86 -2.79
N ASN A 51 -5.39 4.50 -2.49
CA ASN A 51 -5.87 5.64 -3.24
C ASN A 51 -4.91 6.77 -3.12
N LYS A 52 -4.39 7.01 -1.90
CA LYS A 52 -3.53 8.13 -1.62
C LYS A 52 -2.17 7.92 -2.22
N VAL A 53 -1.71 6.66 -2.28
CA VAL A 53 -0.38 6.31 -2.74
C VAL A 53 -0.41 6.13 -4.21
N LYS A 54 -1.60 6.04 -4.83
CA LYS A 54 -1.68 5.94 -6.25
C LYS A 54 -1.47 7.31 -6.81
N GLU A 55 -1.80 8.33 -6.01
CA GLU A 55 -1.68 9.70 -6.40
C GLU A 55 -0.33 10.21 -6.04
N ALA A 56 0.13 9.76 -4.87
CA ALA A 56 1.39 10.16 -4.31
C ALA A 56 2.52 9.55 -5.07
N LEU A 57 2.28 8.34 -5.62
CA LEU A 57 3.22 7.70 -6.51
C LEU A 57 3.08 8.43 -7.78
N GLN A 58 1.81 8.77 -8.07
CA GLN A 58 1.45 9.47 -9.27
C GLN A 58 1.61 8.52 -10.41
N VAL A 59 1.00 7.33 -10.21
CA VAL A 59 0.74 6.39 -11.26
C VAL A 59 -0.66 6.72 -11.67
N GLN A 60 -1.30 7.66 -10.91
CA GLN A 60 -2.57 8.19 -11.30
C GLN A 60 -2.51 8.79 -12.71
N TRP A 1 3.43 -10.13 8.84
CA TRP A 1 2.84 -8.89 8.29
C TRP A 1 3.75 -8.36 7.22
N ILE A 2 3.89 -9.14 6.12
CA ILE A 2 4.97 -9.00 5.18
C ILE A 2 4.60 -9.33 3.77
N ALA A 3 4.24 -10.61 3.50
CA ALA A 3 4.04 -11.10 2.18
C ALA A 3 2.59 -10.96 1.89
N ARG A 4 1.82 -10.51 2.90
CA ARG A 4 0.43 -10.23 2.74
C ARG A 4 0.27 -8.91 2.06
N ILE A 5 1.29 -8.03 2.18
CA ILE A 5 1.35 -6.74 1.61
C ILE A 5 1.66 -6.92 0.18
N ASN A 6 2.64 -7.81 -0.11
CA ASN A 6 3.05 -8.12 -1.45
C ASN A 6 1.89 -8.69 -2.19
N ALA A 7 1.11 -9.53 -1.49
CA ALA A 7 -0.01 -10.21 -2.07
C ALA A 7 -1.14 -9.27 -2.31
N ALA A 8 -1.25 -8.19 -1.51
CA ALA A 8 -2.38 -7.32 -1.65
C ALA A 8 -2.19 -6.37 -2.80
N VAL A 9 -0.93 -5.92 -3.02
CA VAL A 9 -0.68 -4.79 -3.87
C VAL A 9 -0.39 -5.23 -5.27
N ARG A 10 -0.39 -6.56 -5.53
CA ARG A 10 0.04 -7.09 -6.80
C ARG A 10 -1.01 -6.91 -7.86
N ALA A 11 -2.22 -6.50 -7.46
CA ALA A 11 -3.30 -6.26 -8.36
C ALA A 11 -3.00 -5.03 -9.16
N TYR A 12 -2.31 -4.06 -8.54
CA TYR A 12 -2.08 -2.78 -9.15
C TYR A 12 -0.93 -2.89 -10.10
N GLY A 13 0.18 -3.51 -9.64
CA GLY A 13 1.38 -3.56 -10.41
C GLY A 13 2.50 -3.29 -9.47
N LEU A 14 2.14 -2.85 -8.24
CA LEU A 14 3.09 -2.63 -7.19
C LEU A 14 3.47 -3.97 -6.70
N ASN A 15 4.72 -4.05 -6.20
CA ASN A 15 5.29 -5.30 -5.82
C ASN A 15 5.78 -5.22 -4.42
N TYR A 16 5.21 -4.27 -3.64
CA TYR A 16 5.54 -4.00 -2.25
C TYR A 16 6.74 -3.10 -2.18
N SER A 17 7.61 -3.10 -3.22
CA SER A 17 8.82 -2.32 -3.24
C SER A 17 8.52 -0.93 -3.68
N THR A 18 7.63 -0.81 -4.68
CA THR A 18 7.29 0.46 -5.24
C THR A 18 6.15 1.01 -4.43
N PHE A 19 5.46 0.10 -3.71
CA PHE A 19 4.48 0.47 -2.74
C PHE A 19 5.22 1.19 -1.67
N ILE A 20 6.38 0.61 -1.30
CA ILE A 20 7.22 1.04 -0.21
C ILE A 20 7.55 2.49 -0.36
N ASN A 21 7.82 2.93 -1.62
CA ASN A 21 8.34 4.26 -1.85
C ASN A 21 7.24 5.25 -1.89
N GLY A 22 6.18 4.88 -2.62
CA GLY A 22 5.08 5.76 -2.90
C GLY A 22 4.23 6.03 -1.69
N LEU A 23 4.34 5.18 -0.65
CA LEU A 23 3.75 5.45 0.62
C LEU A 23 4.36 6.64 1.24
N LYS A 24 5.70 6.79 1.13
CA LYS A 24 6.43 7.86 1.75
C LYS A 24 6.13 9.12 1.01
N LYS A 25 5.83 8.99 -0.30
CA LYS A 25 5.48 10.08 -1.16
C LYS A 25 4.18 10.66 -0.67
N ALA A 26 3.25 9.79 -0.22
CA ALA A 26 2.02 10.22 0.38
C ALA A 26 2.32 10.86 1.70
N GLY A 27 3.02 10.12 2.58
CA GLY A 27 3.41 10.59 3.88
C GLY A 27 2.89 9.65 4.90
N ILE A 28 2.75 8.36 4.51
CA ILE A 28 2.20 7.34 5.31
C ILE A 28 3.41 6.54 5.75
N GLU A 29 4.20 6.05 4.77
CA GLU A 29 5.43 5.31 4.95
C GLU A 29 5.19 4.09 5.78
N LEU A 30 4.09 3.38 5.50
CA LEU A 30 3.62 2.37 6.39
C LEU A 30 3.38 1.10 5.64
N ASP A 31 4.00 0.00 6.10
CA ASP A 31 3.86 -1.31 5.50
C ASP A 31 4.80 -2.14 6.23
N ARG A 32 5.46 -1.54 7.23
CA ARG A 32 6.65 -2.14 7.67
C ARG A 32 6.30 -3.00 8.86
N LYS A 33 5.12 -3.65 8.76
CA LYS A 33 4.48 -4.60 9.60
C LYS A 33 3.29 -3.87 10.09
N ILE A 34 2.13 -4.57 9.99
CA ILE A 34 0.95 -4.38 10.78
C ILE A 34 0.07 -3.31 10.17
N LEU A 35 0.35 -2.92 8.91
CA LEU A 35 -0.61 -2.20 8.09
C LEU A 35 -1.09 -3.19 7.14
N ALA A 36 -0.19 -4.13 6.89
CA ALA A 36 -0.36 -5.35 6.20
C ALA A 36 -1.57 -6.08 6.66
N ASP A 37 -1.93 -5.85 7.94
CA ASP A 37 -3.15 -6.33 8.46
C ASP A 37 -4.26 -5.79 7.65
N MET A 38 -4.30 -4.47 7.51
CA MET A 38 -5.41 -3.83 6.86
C MET A 38 -5.41 -4.17 5.40
N ALA A 39 -4.23 -4.49 4.84
CA ALA A 39 -4.07 -4.73 3.43
C ALA A 39 -4.92 -5.87 2.95
N VAL A 40 -5.19 -6.86 3.84
CA VAL A 40 -5.95 -8.01 3.49
C VAL A 40 -7.29 -7.90 4.17
N ARG A 41 -7.28 -7.51 5.46
CA ARG A 41 -8.33 -7.80 6.38
C ARG A 41 -9.27 -6.63 6.49
N ASP A 42 -8.81 -5.41 6.15
CA ASP A 42 -9.63 -4.23 6.10
C ASP A 42 -9.50 -3.60 4.74
N PRO A 43 -10.15 -4.07 3.70
CA PRO A 43 -9.90 -3.63 2.35
C PRO A 43 -10.54 -2.30 2.10
N GLN A 44 -11.33 -1.78 3.05
CA GLN A 44 -11.90 -0.47 2.95
C GLN A 44 -10.80 0.52 3.21
N ALA A 45 -10.07 0.30 4.32
CA ALA A 45 -9.03 1.20 4.73
C ALA A 45 -7.84 1.03 3.83
N PHE A 46 -7.57 -0.23 3.43
CA PHE A 46 -6.58 -0.48 2.40
C PHE A 46 -6.82 0.32 1.16
N GLU A 47 -8.08 0.40 0.68
CA GLU A 47 -8.38 1.07 -0.56
C GLU A 47 -8.12 2.55 -0.45
N GLN A 48 -8.29 3.13 0.76
CA GLN A 48 -8.08 4.53 0.96
C GLN A 48 -6.63 4.88 0.90
N VAL A 49 -5.78 4.01 1.48
CA VAL A 49 -4.36 4.24 1.54
C VAL A 49 -3.80 4.12 0.16
N VAL A 50 -4.32 3.15 -0.61
CA VAL A 50 -3.94 2.91 -1.97
C VAL A 50 -4.29 4.10 -2.81
N ASN A 51 -5.45 4.71 -2.54
CA ASN A 51 -5.96 5.81 -3.31
C ASN A 51 -5.13 7.04 -3.05
N LYS A 52 -4.57 7.17 -1.83
CA LYS A 52 -3.77 8.32 -1.51
C LYS A 52 -2.45 8.21 -2.23
N VAL A 53 -1.88 7.00 -2.24
CA VAL A 53 -0.59 6.69 -2.82
C VAL A 53 -0.64 6.78 -4.29
N LYS A 54 -1.80 6.49 -4.92
CA LYS A 54 -1.79 6.43 -6.34
C LYS A 54 -1.73 7.81 -6.89
N GLU A 55 -2.43 8.76 -6.27
CA GLU A 55 -2.35 10.10 -6.76
C GLU A 55 -1.02 10.65 -6.42
N ALA A 56 -0.64 10.50 -5.13
CA ALA A 56 0.51 11.13 -4.55
C ALA A 56 1.73 10.75 -5.31
N LEU A 57 1.81 9.48 -5.73
CA LEU A 57 2.96 9.01 -6.45
C LEU A 57 2.59 8.93 -7.88
N GLN A 58 1.82 7.88 -8.19
CA GLN A 58 1.95 7.18 -9.44
C GLN A 58 1.45 8.04 -10.55
N VAL A 59 0.40 8.81 -10.23
CA VAL A 59 -0.37 9.49 -11.20
C VAL A 59 0.06 10.91 -11.15
N GLN A 60 0.67 11.35 -10.02
CA GLN A 60 1.22 12.69 -10.06
C GLN A 60 2.35 12.69 -11.10
N TRP A 1 3.28 -10.20 8.28
CA TRP A 1 2.88 -8.91 7.69
C TRP A 1 3.91 -8.42 6.72
N ILE A 2 4.29 -9.28 5.73
CA ILE A 2 5.39 -9.00 4.84
C ILE A 2 5.05 -9.45 3.46
N ALA A 3 4.79 -10.77 3.33
CA ALA A 3 4.43 -11.39 2.08
C ALA A 3 2.95 -11.30 2.02
N ARG A 4 2.37 -10.72 3.08
CA ARG A 4 0.98 -10.43 3.18
C ARG A 4 0.73 -9.20 2.37
N ILE A 5 1.68 -8.24 2.42
CA ILE A 5 1.68 -7.04 1.68
C ILE A 5 1.98 -7.34 0.26
N ASN A 6 2.98 -8.22 0.03
CA ASN A 6 3.35 -8.63 -1.31
C ASN A 6 2.17 -9.23 -2.00
N ALA A 7 1.42 -10.03 -1.25
CA ALA A 7 0.27 -10.74 -1.74
C ALA A 7 -0.91 -9.83 -1.93
N ALA A 8 -0.95 -8.69 -1.22
CA ALA A 8 -2.09 -7.82 -1.32
C ALA A 8 -1.95 -6.92 -2.51
N VAL A 9 -0.71 -6.49 -2.83
CA VAL A 9 -0.50 -5.39 -3.74
C VAL A 9 -0.32 -5.88 -5.14
N ARG A 10 -0.33 -7.21 -5.36
CA ARG A 10 -0.02 -7.79 -6.65
C ARG A 10 -1.27 -7.87 -7.50
N ALA A 11 -2.19 -6.91 -7.31
CA ALA A 11 -3.38 -6.79 -8.09
C ALA A 11 -3.20 -5.59 -8.96
N TYR A 12 -2.50 -4.58 -8.42
CA TYR A 12 -2.37 -3.30 -9.07
C TYR A 12 -1.34 -3.36 -10.14
N GLY A 13 -0.13 -3.84 -9.79
CA GLY A 13 1.01 -3.67 -10.64
C GLY A 13 2.14 -3.34 -9.73
N LEU A 14 1.78 -3.01 -8.46
CA LEU A 14 2.74 -2.81 -7.42
C LEU A 14 3.30 -4.13 -7.07
N ASN A 15 4.58 -4.10 -6.67
CA ASN A 15 5.32 -5.26 -6.36
C ASN A 15 5.86 -5.14 -4.99
N TYR A 16 5.23 -4.25 -4.17
CA TYR A 16 5.55 -4.00 -2.79
C TYR A 16 6.71 -3.03 -2.70
N SER A 17 7.53 -2.92 -3.76
CA SER A 17 8.66 -2.03 -3.78
C SER A 17 8.24 -0.65 -4.12
N THR A 18 7.28 -0.53 -5.06
CA THR A 18 6.82 0.76 -5.50
C THR A 18 5.77 1.22 -4.53
N PHE A 19 5.19 0.25 -3.81
CA PHE A 19 4.25 0.52 -2.76
C PHE A 19 5.02 1.20 -1.68
N ILE A 20 6.21 0.62 -1.41
CA ILE A 20 7.10 1.00 -0.35
C ILE A 20 7.42 2.47 -0.48
N ASN A 21 7.60 2.95 -1.74
CA ASN A 21 8.07 4.29 -1.96
C ASN A 21 6.98 5.27 -1.81
N GLY A 22 5.85 4.97 -2.46
CA GLY A 22 4.78 5.92 -2.59
C GLY A 22 4.00 6.11 -1.32
N LEU A 23 4.13 5.18 -0.36
CA LEU A 23 3.63 5.39 0.97
C LEU A 23 4.30 6.53 1.63
N LYS A 24 5.61 6.74 1.34
CA LYS A 24 6.38 7.78 1.95
C LYS A 24 5.99 9.08 1.33
N LYS A 25 5.57 9.03 0.04
CA LYS A 25 5.13 10.18 -0.69
C LYS A 25 3.86 10.67 -0.07
N ALA A 26 3.02 9.75 0.42
CA ALA A 26 1.79 10.10 1.09
C ALA A 26 2.10 10.64 2.45
N GLY A 27 2.87 9.87 3.24
CA GLY A 27 3.26 10.24 4.57
C GLY A 27 2.68 9.24 5.52
N ILE A 28 2.55 8.00 5.05
CA ILE A 28 2.01 6.90 5.77
C ILE A 28 3.23 6.19 6.28
N GLU A 29 3.98 5.52 5.37
CA GLU A 29 5.16 4.74 5.65
C GLU A 29 4.93 3.88 6.85
N LEU A 30 3.92 3.00 6.73
CA LEU A 30 3.36 2.35 7.87
C LEU A 30 3.43 0.88 7.60
N ASP A 31 3.80 0.54 6.35
CA ASP A 31 4.01 -0.83 5.91
C ASP A 31 5.24 -1.37 6.53
N ARG A 32 5.50 -2.61 6.09
CA ARG A 32 6.63 -3.45 6.34
C ARG A 32 6.07 -4.48 7.25
N LYS A 33 5.01 -4.10 8.00
CA LYS A 33 4.31 -4.93 8.90
C LYS A 33 3.28 -4.05 9.52
N ILE A 34 2.05 -4.59 9.54
CA ILE A 34 0.98 -4.24 10.45
C ILE A 34 0.22 -3.04 9.92
N LEU A 35 0.44 -2.73 8.63
CA LEU A 35 -0.47 -1.91 7.83
C LEU A 35 -1.01 -2.82 6.82
N ALA A 36 -0.16 -3.79 6.53
CA ALA A 36 -0.39 -5.06 5.94
C ALA A 36 -1.62 -5.68 6.47
N ASP A 37 -1.91 -5.41 7.76
CA ASP A 37 -3.11 -5.80 8.39
C ASP A 37 -4.26 -5.28 7.62
N MET A 38 -4.25 -3.98 7.36
CA MET A 38 -5.35 -3.36 6.68
C MET A 38 -5.38 -3.84 5.26
N ALA A 39 -4.23 -4.20 4.69
CA ALA A 39 -4.16 -4.60 3.30
C ALA A 39 -4.96 -5.85 3.03
N VAL A 40 -5.17 -6.71 4.04
CA VAL A 40 -5.95 -7.91 3.88
C VAL A 40 -7.28 -7.70 4.54
N ARG A 41 -7.24 -7.27 5.82
CA ARG A 41 -8.35 -7.35 6.73
C ARG A 41 -9.30 -6.21 6.58
N ASP A 42 -8.80 -5.00 6.18
CA ASP A 42 -9.60 -3.82 6.08
C ASP A 42 -9.47 -3.26 4.68
N PRO A 43 -10.15 -3.77 3.69
CA PRO A 43 -9.94 -3.39 2.31
C PRO A 43 -10.58 -2.06 2.05
N GLN A 44 -11.34 -1.51 3.01
CA GLN A 44 -11.95 -0.23 2.88
C GLN A 44 -10.88 0.79 3.10
N ALA A 45 -10.06 0.57 4.16
CA ALA A 45 -9.01 1.48 4.51
C ALA A 45 -7.88 1.29 3.56
N PHE A 46 -7.60 0.03 3.17
CA PHE A 46 -6.62 -0.26 2.14
C PHE A 46 -6.89 0.49 0.87
N GLU A 47 -8.17 0.60 0.43
CA GLU A 47 -8.50 1.23 -0.82
C GLU A 47 -8.18 2.70 -0.74
N GLN A 48 -8.41 3.32 0.42
CA GLN A 48 -8.18 4.73 0.61
C GLN A 48 -6.73 5.06 0.58
N VAL A 49 -5.90 4.16 1.13
CA VAL A 49 -4.47 4.33 1.22
C VAL A 49 -3.90 4.23 -0.15
N VAL A 50 -4.42 3.27 -0.94
CA VAL A 50 -3.96 3.01 -2.27
C VAL A 50 -4.25 4.20 -3.14
N ASN A 51 -5.45 4.78 -2.98
CA ASN A 51 -5.87 5.91 -3.77
C ASN A 51 -4.99 7.09 -3.48
N LYS A 52 -4.62 7.25 -2.19
CA LYS A 52 -3.83 8.36 -1.74
C LYS A 52 -2.43 8.25 -2.28
N VAL A 53 -1.93 7.02 -2.46
CA VAL A 53 -0.57 6.76 -2.85
C VAL A 53 -0.44 6.81 -4.32
N LYS A 54 -1.53 6.63 -5.08
CA LYS A 54 -1.44 6.66 -6.51
C LYS A 54 -1.54 8.07 -6.93
N GLU A 55 -1.87 8.95 -5.99
CA GLU A 55 -2.01 10.34 -6.24
C GLU A 55 -0.82 11.04 -5.73
N ALA A 56 -0.25 10.43 -4.68
CA ALA A 56 0.86 11.01 -3.98
C ALA A 56 2.09 10.73 -4.78
N LEU A 57 2.06 9.57 -5.44
CA LEU A 57 3.04 9.14 -6.39
C LEU A 57 2.70 9.91 -7.60
N GLN A 58 1.39 10.03 -7.83
CA GLN A 58 0.85 10.73 -8.96
C GLN A 58 1.19 9.98 -10.19
N VAL A 59 0.89 8.66 -10.14
CA VAL A 59 0.86 7.81 -11.28
C VAL A 59 -0.56 7.87 -11.74
N GLN A 60 -1.41 8.54 -10.93
CA GLN A 60 -2.81 8.70 -11.26
C GLN A 60 -2.97 9.46 -12.58
N TRP A 1 2.73 -7.08 7.18
CA TRP A 1 2.94 -5.84 6.42
C TRP A 1 4.33 -6.09 5.94
N ILE A 2 4.57 -7.38 5.54
CA ILE A 2 5.76 -7.79 4.84
C ILE A 2 5.52 -8.73 3.70
N ALA A 3 4.90 -9.90 3.98
CA ALA A 3 4.69 -10.95 3.03
C ALA A 3 3.25 -10.95 2.71
N ARG A 4 2.45 -10.57 3.72
CA ARG A 4 1.03 -10.39 3.60
C ARG A 4 0.79 -9.07 2.94
N ILE A 5 1.82 -8.19 2.94
CA ILE A 5 1.78 -6.93 2.25
C ILE A 5 2.05 -7.15 0.81
N ASN A 6 2.86 -8.18 0.51
CA ASN A 6 3.30 -8.50 -0.80
C ASN A 6 2.20 -9.22 -1.50
N ALA A 7 1.21 -9.66 -0.71
CA ALA A 7 0.13 -10.48 -1.20
C ALA A 7 -1.07 -9.63 -1.42
N ALA A 8 -1.04 -8.40 -0.87
CA ALA A 8 -2.17 -7.53 -0.95
C ALA A 8 -2.03 -6.63 -2.14
N VAL A 9 -0.77 -6.34 -2.52
CA VAL A 9 -0.45 -5.35 -3.50
C VAL A 9 -0.59 -5.93 -4.86
N ARG A 10 -0.49 -7.27 -4.97
CA ARG A 10 -0.54 -7.95 -6.23
C ARG A 10 -1.97 -7.98 -6.70
N ALA A 11 -2.31 -7.01 -7.57
CA ALA A 11 -3.64 -6.80 -8.02
C ALA A 11 -3.57 -5.59 -8.88
N TYR A 12 -2.90 -4.54 -8.35
CA TYR A 12 -2.89 -3.24 -8.96
C TYR A 12 -1.83 -3.22 -10.00
N GLY A 13 -0.64 -3.76 -9.63
CA GLY A 13 0.54 -3.61 -10.42
C GLY A 13 1.60 -3.23 -9.46
N LEU A 14 1.19 -2.90 -8.22
CA LEU A 14 2.10 -2.65 -7.16
C LEU A 14 2.66 -3.96 -6.77
N ASN A 15 3.98 -3.94 -6.51
CA ASN A 15 4.72 -5.12 -6.22
C ASN A 15 5.39 -4.90 -4.90
N TYR A 16 4.86 -3.93 -4.11
CA TYR A 16 5.30 -3.58 -2.78
C TYR A 16 6.44 -2.60 -2.86
N SER A 17 7.23 -2.61 -3.95
CA SER A 17 8.37 -1.74 -4.04
C SER A 17 7.93 -0.36 -4.45
N THR A 18 6.83 -0.28 -5.20
CA THR A 18 6.37 0.96 -5.76
C THR A 18 5.44 1.57 -4.76
N PHE A 19 4.80 0.69 -3.97
CA PHE A 19 4.00 1.08 -2.85
C PHE A 19 4.93 1.82 -1.96
N ILE A 20 6.11 1.19 -1.73
CA ILE A 20 7.13 1.63 -0.83
C ILE A 20 7.52 3.04 -1.15
N ASN A 21 7.65 3.35 -2.47
CA ASN A 21 8.21 4.60 -2.91
C ASN A 21 7.29 5.72 -2.64
N GLY A 22 6.05 5.55 -3.09
CA GLY A 22 5.10 6.62 -3.10
C GLY A 22 4.58 6.95 -1.74
N LEU A 23 4.65 5.99 -0.80
CA LEU A 23 4.34 6.30 0.58
C LEU A 23 5.33 7.23 1.15
N LYS A 24 6.61 7.11 0.75
CA LYS A 24 7.67 7.91 1.31
C LYS A 24 7.59 9.26 0.70
N LYS A 25 6.99 9.32 -0.51
CA LYS A 25 6.74 10.55 -1.20
C LYS A 25 5.68 11.32 -0.46
N ALA A 26 4.73 10.59 0.15
CA ALA A 26 3.76 11.20 1.03
C ALA A 26 4.46 11.62 2.28
N GLY A 27 5.20 10.68 2.91
CA GLY A 27 5.97 10.93 4.10
C GLY A 27 5.48 10.03 5.17
N ILE A 28 4.95 8.86 4.77
CA ILE A 28 4.32 7.96 5.66
C ILE A 28 5.28 6.83 5.80
N GLU A 29 5.74 6.59 7.06
CA GLU A 29 6.54 5.43 7.33
C GLU A 29 5.56 4.33 7.52
N LEU A 30 5.70 3.28 6.68
CA LEU A 30 4.70 2.27 6.58
C LEU A 30 5.39 0.94 6.85
N ASP A 31 4.71 -0.20 6.54
CA ASP A 31 5.06 -1.61 6.71
C ASP A 31 5.59 -2.07 8.07
N ARG A 32 5.57 -3.41 8.22
CA ARG A 32 5.99 -4.33 9.27
C ARG A 32 4.93 -4.80 10.29
N LYS A 33 3.92 -5.59 9.80
CA LYS A 33 2.79 -6.32 10.32
C LYS A 33 1.92 -5.69 11.32
N ILE A 34 1.12 -4.73 10.80
CA ILE A 34 0.19 -3.99 11.58
C ILE A 34 -0.95 -3.63 10.66
N LEU A 35 -0.66 -3.11 9.43
CA LEU A 35 -1.65 -2.34 8.71
C LEU A 35 -2.07 -3.26 7.71
N ALA A 36 -1.18 -4.23 7.41
CA ALA A 36 -1.48 -5.28 6.51
C ALA A 36 -2.20 -6.36 7.21
N ASP A 37 -2.92 -5.95 8.25
CA ASP A 37 -4.09 -6.61 8.68
C ASP A 37 -5.06 -6.05 7.71
N MET A 38 -5.13 -4.72 7.64
CA MET A 38 -6.16 -4.11 6.82
C MET A 38 -5.86 -4.36 5.36
N ALA A 39 -4.58 -4.52 4.95
CA ALA A 39 -4.25 -4.64 3.56
C ALA A 39 -4.92 -5.82 2.92
N VAL A 40 -5.11 -6.88 3.71
CA VAL A 40 -5.57 -8.14 3.23
C VAL A 40 -7.02 -8.24 3.58
N ARG A 41 -7.33 -7.93 4.86
CA ARG A 41 -8.52 -8.39 5.49
C ARG A 41 -9.54 -7.28 5.55
N ASP A 42 -9.12 -6.00 5.33
CA ASP A 42 -10.02 -4.90 5.11
C ASP A 42 -9.67 -4.20 3.81
N PRO A 43 -9.99 -4.72 2.66
CA PRO A 43 -9.49 -4.20 1.40
C PRO A 43 -10.23 -2.95 1.02
N GLN A 44 -11.25 -2.52 1.80
CA GLN A 44 -11.92 -1.29 1.56
C GLN A 44 -11.03 -0.19 2.03
N ALA A 45 -10.46 -0.38 3.23
CA ALA A 45 -9.60 0.60 3.84
C ALA A 45 -8.24 0.51 3.22
N PHE A 46 -7.80 -0.71 2.86
CA PHE A 46 -6.62 -0.80 2.03
C PHE A 46 -6.72 -0.01 0.75
N GLU A 47 -7.90 0.00 0.09
CA GLU A 47 -8.05 0.72 -1.13
C GLU A 47 -8.08 2.21 -0.91
N GLN A 48 -8.25 2.67 0.35
CA GLN A 48 -8.18 4.07 0.67
C GLN A 48 -6.75 4.49 0.80
N VAL A 49 -5.90 3.56 1.29
CA VAL A 49 -4.48 3.83 1.45
C VAL A 49 -3.88 3.94 0.09
N VAL A 50 -4.38 3.13 -0.85
CA VAL A 50 -3.91 3.10 -2.21
C VAL A 50 -4.47 4.28 -2.93
N ASN A 51 -5.66 4.75 -2.54
CA ASN A 51 -6.26 5.91 -3.15
C ASN A 51 -5.49 7.13 -2.73
N LYS A 52 -4.80 7.06 -1.58
CA LYS A 52 -3.91 8.12 -1.20
C LYS A 52 -2.72 8.06 -2.11
N VAL A 53 -2.06 6.89 -2.23
CA VAL A 53 -0.82 6.68 -2.95
C VAL A 53 -1.09 6.24 -4.36
N LYS A 54 -2.18 6.73 -4.96
CA LYS A 54 -2.21 6.91 -6.37
C LYS A 54 -1.90 8.34 -6.66
N GLU A 55 -2.34 9.22 -5.76
CA GLU A 55 -2.24 10.64 -5.95
C GLU A 55 -0.94 11.12 -5.39
N ALA A 56 -0.57 10.61 -4.21
CA ALA A 56 0.66 10.97 -3.56
C ALA A 56 1.78 10.31 -4.28
N LEU A 57 1.44 9.24 -5.04
CA LEU A 57 2.38 8.59 -5.90
C LEU A 57 2.63 9.49 -7.06
N GLN A 58 1.71 9.45 -8.03
CA GLN A 58 2.07 9.79 -9.38
C GLN A 58 1.41 11.06 -9.72
N VAL A 59 0.44 11.42 -8.86
CA VAL A 59 -0.52 12.46 -9.10
C VAL A 59 -1.35 11.95 -10.21
N GLN A 60 -1.57 10.63 -10.13
CA GLN A 60 -2.42 9.96 -11.05
C GLN A 60 -3.83 10.37 -10.60
N TRP A 1 4.95 -8.46 7.40
CA TRP A 1 4.23 -7.42 6.68
C TRP A 1 4.67 -7.67 5.32
N ILE A 2 4.46 -8.92 4.88
CA ILE A 2 5.21 -9.42 3.77
C ILE A 2 4.38 -10.07 2.71
N ALA A 3 3.73 -11.21 3.03
CA ALA A 3 3.07 -12.00 2.04
C ALA A 3 1.74 -11.36 1.87
N ARG A 4 1.24 -10.84 3.00
CA ARG A 4 0.00 -10.13 3.09
C ARG A 4 0.13 -8.80 2.42
N ILE A 5 1.34 -8.20 2.45
CA ILE A 5 1.55 -6.88 1.96
C ILE A 5 1.80 -6.88 0.49
N ASN A 6 2.36 -7.99 -0.02
CA ASN A 6 2.58 -8.16 -1.42
C ASN A 6 1.29 -8.48 -2.07
N ALA A 7 0.38 -9.05 -1.26
CA ALA A 7 -0.78 -9.72 -1.78
C ALA A 7 -1.85 -8.75 -2.19
N ALA A 8 -1.82 -7.53 -1.66
CA ALA A 8 -2.85 -6.58 -1.97
C ALA A 8 -2.38 -5.65 -3.03
N VAL A 9 -1.04 -5.45 -3.11
CA VAL A 9 -0.49 -4.43 -3.95
C VAL A 9 -0.28 -4.97 -5.33
N ARG A 10 -0.31 -6.31 -5.48
CA ARG A 10 0.04 -6.99 -6.70
C ARG A 10 -0.98 -6.78 -7.77
N ALA A 11 -2.20 -6.32 -7.39
CA ALA A 11 -3.27 -6.11 -8.32
C ALA A 11 -2.93 -4.96 -9.22
N TYR A 12 -2.32 -3.91 -8.64
CA TYR A 12 -2.12 -2.67 -9.33
C TYR A 12 -0.95 -2.78 -10.24
N GLY A 13 0.11 -3.46 -9.78
CA GLY A 13 1.33 -3.57 -10.54
C GLY A 13 2.43 -3.19 -9.61
N LEU A 14 2.03 -2.74 -8.40
CA LEU A 14 2.96 -2.44 -7.35
C LEU A 14 3.42 -3.73 -6.82
N ASN A 15 4.72 -3.76 -6.49
CA ASN A 15 5.39 -4.97 -6.19
C ASN A 15 5.96 -4.90 -4.81
N TYR A 16 5.39 -4.00 -3.98
CA TYR A 16 5.78 -3.72 -2.62
C TYR A 16 6.91 -2.74 -2.61
N SER A 17 7.73 -2.68 -3.69
CA SER A 17 8.89 -1.82 -3.75
C SER A 17 8.50 -0.42 -4.13
N THR A 18 7.59 -0.29 -5.11
CA THR A 18 7.21 1.00 -5.62
C THR A 18 6.12 1.52 -4.73
N PHE A 19 5.42 0.58 -4.08
CA PHE A 19 4.49 0.87 -3.04
C PHE A 19 5.27 1.58 -1.98
N ILE A 20 6.42 0.97 -1.62
CA ILE A 20 7.29 1.35 -0.53
C ILE A 20 7.63 2.81 -0.64
N ASN A 21 7.89 3.27 -1.89
CA ASN A 21 8.40 4.61 -2.09
C ASN A 21 7.31 5.58 -1.91
N GLY A 22 6.19 5.25 -2.55
CA GLY A 22 5.03 6.11 -2.60
C GLY A 22 4.35 6.24 -1.27
N LEU A 23 4.67 5.36 -0.30
CA LEU A 23 4.24 5.56 1.07
C LEU A 23 4.73 6.86 1.60
N LYS A 24 6.03 7.14 1.38
CA LYS A 24 6.70 8.28 1.95
C LYS A 24 6.18 9.51 1.30
N LYS A 25 5.84 9.39 0.00
CA LYS A 25 5.32 10.47 -0.78
C LYS A 25 3.99 10.90 -0.24
N ALA A 26 3.16 9.92 0.19
CA ALA A 26 1.85 10.19 0.69
C ALA A 26 1.92 10.72 2.09
N GLY A 27 2.54 9.94 2.99
CA GLY A 27 2.62 10.25 4.40
C GLY A 27 2.00 9.14 5.15
N ILE A 28 2.11 7.91 4.61
CA ILE A 28 1.62 6.71 5.20
C ILE A 28 2.76 6.27 6.05
N GLU A 29 3.85 5.76 5.41
CA GLU A 29 5.09 5.34 6.04
C GLU A 29 4.83 4.24 7.01
N LEU A 30 3.82 3.42 6.68
CA LEU A 30 3.24 2.46 7.55
C LEU A 30 3.27 1.15 6.83
N ASP A 31 3.70 0.05 7.48
CA ASP A 31 3.75 -1.24 6.82
C ASP A 31 3.53 -2.33 7.79
N ARG A 32 4.29 -2.33 8.90
CA ARG A 32 4.77 -3.52 9.55
C ARG A 32 3.75 -4.32 10.36
N LYS A 33 2.80 -4.99 9.68
CA LYS A 33 1.68 -5.77 10.18
C LYS A 33 0.84 -4.84 10.95
N ILE A 34 0.73 -3.69 10.28
CA ILE A 34 0.26 -2.45 10.80
C ILE A 34 -0.59 -1.87 9.72
N LEU A 35 -0.49 -2.45 8.50
CA LEU A 35 -1.14 -1.82 7.38
C LEU A 35 -1.30 -2.93 6.45
N ALA A 36 -0.28 -3.79 6.46
CA ALA A 36 -0.38 -5.13 6.00
C ALA A 36 -1.47 -5.85 6.69
N ASP A 37 -1.75 -5.47 7.96
CA ASP A 37 -2.85 -6.00 8.67
C ASP A 37 -4.05 -5.62 7.89
N MET A 38 -4.19 -4.32 7.62
CA MET A 38 -5.33 -3.76 6.95
C MET A 38 -5.42 -4.30 5.54
N ALA A 39 -4.34 -4.84 4.96
CA ALA A 39 -4.35 -5.34 3.61
C ALA A 39 -5.27 -6.51 3.50
N VAL A 40 -5.28 -7.36 4.54
CA VAL A 40 -6.06 -8.56 4.54
C VAL A 40 -7.33 -8.26 5.27
N ARG A 41 -7.19 -7.62 6.43
CA ARG A 41 -8.21 -7.56 7.44
C ARG A 41 -9.18 -6.45 7.17
N ASP A 42 -8.70 -5.26 6.71
CA ASP A 42 -9.53 -4.12 6.45
C ASP A 42 -9.31 -3.63 5.04
N PRO A 43 -9.78 -4.25 4.00
CA PRO A 43 -9.38 -3.94 2.65
C PRO A 43 -10.08 -2.69 2.19
N GLN A 44 -11.01 -2.14 2.99
CA GLN A 44 -11.66 -0.90 2.70
C GLN A 44 -10.70 0.21 3.03
N ALA A 45 -9.98 0.06 4.15
CA ALA A 45 -9.02 1.04 4.59
C ALA A 45 -7.78 0.87 3.78
N PHE A 46 -7.43 -0.37 3.43
CA PHE A 46 -6.35 -0.60 2.50
C PHE A 46 -6.58 0.11 1.19
N GLU A 47 -7.83 0.14 0.70
CA GLU A 47 -8.15 0.76 -0.57
C GLU A 47 -7.93 2.24 -0.49
N GLN A 48 -8.11 2.85 0.70
CA GLN A 48 -7.92 4.26 0.87
C GLN A 48 -6.47 4.60 0.82
N VAL A 49 -5.61 3.74 1.40
CA VAL A 49 -4.18 3.96 1.40
C VAL A 49 -3.69 3.89 0.00
N VAL A 50 -4.21 2.91 -0.76
CA VAL A 50 -3.87 2.65 -2.13
C VAL A 50 -4.20 3.85 -2.96
N ASN A 51 -5.34 4.48 -2.67
CA ASN A 51 -5.81 5.61 -3.42
C ASN A 51 -4.84 6.75 -3.26
N LYS A 52 -4.39 6.99 -2.01
CA LYS A 52 -3.50 8.09 -1.71
C LYS A 52 -2.17 7.89 -2.35
N VAL A 53 -1.66 6.65 -2.36
CA VAL A 53 -0.33 6.29 -2.79
C VAL A 53 -0.33 6.06 -4.26
N LYS A 54 -1.50 6.00 -4.90
CA LYS A 54 -1.50 5.91 -6.33
C LYS A 54 -1.22 7.29 -6.84
N GLU A 55 -1.74 8.28 -6.11
CA GLU A 55 -1.71 9.63 -6.53
C GLU A 55 -0.50 10.33 -6.08
N ALA A 56 0.14 9.70 -5.09
CA ALA A 56 1.32 10.22 -4.46
C ALA A 56 2.46 9.56 -5.13
N LEU A 57 2.15 8.46 -5.83
CA LEU A 57 3.10 7.83 -6.71
C LEU A 57 3.02 8.65 -7.94
N GLN A 58 1.84 9.25 -8.13
CA GLN A 58 1.55 10.13 -9.23
C GLN A 58 1.60 9.37 -10.51
N VAL A 59 1.07 8.13 -10.46
CA VAL A 59 0.89 7.27 -11.60
C VAL A 59 -0.58 7.37 -11.86
N GLN A 60 -1.27 8.11 -10.96
CA GLN A 60 -2.65 8.48 -11.17
C GLN A 60 -2.90 9.08 -12.56
N TRP A 1 3.20 -9.96 8.69
CA TRP A 1 2.70 -8.68 8.10
C TRP A 1 3.76 -8.12 7.21
N ILE A 2 3.86 -8.67 5.98
CA ILE A 2 4.97 -8.40 5.10
C ILE A 2 4.63 -8.73 3.69
N ALA A 3 4.34 -10.02 3.44
CA ALA A 3 4.17 -10.57 2.13
C ALA A 3 2.71 -10.61 1.88
N ARG A 4 1.92 -10.24 2.91
CA ARG A 4 0.51 -10.10 2.77
C ARG A 4 0.20 -8.76 2.17
N ILE A 5 1.16 -7.82 2.23
CA ILE A 5 1.07 -6.53 1.67
C ILE A 5 1.36 -6.72 0.24
N ASN A 6 2.39 -7.54 -0.05
CA ASN A 6 2.80 -7.85 -1.39
C ASN A 6 1.66 -8.55 -2.08
N ALA A 7 0.92 -9.37 -1.30
CA ALA A 7 -0.18 -10.13 -1.81
C ALA A 7 -1.33 -9.23 -2.12
N ALA A 8 -1.48 -8.12 -1.38
CA ALA A 8 -2.61 -7.26 -1.64
C ALA A 8 -2.38 -6.42 -2.86
N VAL A 9 -1.14 -5.96 -3.07
CA VAL A 9 -0.88 -4.90 -4.01
C VAL A 9 -0.54 -5.43 -5.36
N ARG A 10 -0.54 -6.77 -5.53
CA ARG A 10 -0.10 -7.37 -6.75
C ARG A 10 -1.16 -7.28 -7.80
N ALA A 11 -2.39 -6.90 -7.39
CA ALA A 11 -3.48 -6.69 -8.28
C ALA A 11 -3.23 -5.44 -9.06
N TYR A 12 -2.57 -4.45 -8.43
CA TYR A 12 -2.37 -3.17 -9.03
C TYR A 12 -1.23 -3.30 -9.99
N GLY A 13 -0.16 -3.99 -9.56
CA GLY A 13 1.01 -4.18 -10.37
C GLY A 13 2.18 -3.80 -9.54
N LEU A 14 1.89 -3.28 -8.34
CA LEU A 14 2.90 -2.94 -7.37
C LEU A 14 3.34 -4.19 -6.76
N ASN A 15 4.60 -4.16 -6.28
CA ASN A 15 5.23 -5.32 -5.75
C ASN A 15 5.69 -5.03 -4.36
N TYR A 16 4.98 -4.10 -3.68
CA TYR A 16 5.24 -3.62 -2.34
C TYR A 16 6.34 -2.60 -2.36
N SER A 17 7.27 -2.68 -3.34
CA SER A 17 8.47 -1.90 -3.34
C SER A 17 8.20 -0.54 -3.83
N THR A 18 7.35 -0.42 -4.87
CA THR A 18 7.09 0.84 -5.48
C THR A 18 6.01 1.53 -4.71
N PHE A 19 5.18 0.71 -4.04
CA PHE A 19 4.16 1.18 -3.15
C PHE A 19 4.84 1.93 -2.06
N ILE A 20 5.95 1.33 -1.56
CA ILE A 20 6.74 1.79 -0.44
C ILE A 20 7.26 3.16 -0.72
N ASN A 21 7.75 3.39 -1.97
CA ASN A 21 8.18 4.68 -2.38
C ASN A 21 7.15 5.75 -2.31
N GLY A 22 5.97 5.46 -2.88
CA GLY A 22 4.92 6.44 -2.95
C GLY A 22 4.34 6.79 -1.60
N LEU A 23 4.44 5.88 -0.59
CA LEU A 23 4.05 6.24 0.75
C LEU A 23 4.93 7.29 1.32
N LYS A 24 6.23 7.24 0.99
CA LYS A 24 7.22 8.10 1.55
C LYS A 24 7.07 9.42 0.89
N LYS A 25 6.58 9.39 -0.36
CA LYS A 25 6.30 10.55 -1.15
C LYS A 25 5.14 11.27 -0.53
N ALA A 26 4.17 10.49 0.02
CA ALA A 26 2.99 11.05 0.63
C ALA A 26 3.41 11.65 1.94
N GLY A 27 4.17 10.88 2.73
CA GLY A 27 4.73 11.33 3.98
C GLY A 27 4.12 10.51 5.05
N ILE A 28 3.72 9.28 4.71
CA ILE A 28 3.03 8.41 5.59
C ILE A 28 4.09 7.50 6.13
N GLU A 29 4.78 6.79 5.20
CA GLU A 29 5.75 5.77 5.49
C GLU A 29 5.09 4.69 6.30
N LEU A 30 4.35 3.83 5.58
CA LEU A 30 3.50 2.82 6.15
C LEU A 30 4.00 1.50 5.64
N ASP A 31 3.11 0.45 5.53
CA ASP A 31 3.38 -0.92 5.14
C ASP A 31 4.77 -1.36 5.37
N ARG A 32 4.98 -1.91 6.57
CA ARG A 32 6.14 -2.68 6.78
C ARG A 32 5.62 -3.84 7.53
N LYS A 33 4.48 -3.60 8.23
CA LYS A 33 3.86 -4.51 9.11
C LYS A 33 2.80 -3.72 9.78
N ILE A 34 1.60 -4.33 9.79
CA ILE A 34 0.51 -4.09 10.69
C ILE A 34 -0.30 -2.95 10.09
N LEU A 35 -0.14 -2.83 8.76
CA LEU A 35 -1.13 -2.25 7.88
C LEU A 35 -1.63 -3.33 7.05
N ALA A 36 -0.71 -4.27 6.86
CA ALA A 36 -0.82 -5.51 6.17
C ALA A 36 -1.92 -6.34 6.71
N ASP A 37 -2.27 -6.07 7.97
CA ASP A 37 -3.43 -6.63 8.55
C ASP A 37 -4.59 -6.12 7.81
N MET A 38 -4.63 -4.80 7.64
CA MET A 38 -5.74 -4.20 6.95
C MET A 38 -5.66 -4.53 5.49
N ALA A 39 -4.48 -4.92 4.97
CA ALA A 39 -4.29 -5.15 3.55
C ALA A 39 -5.13 -6.27 3.05
N VAL A 40 -5.26 -7.34 3.86
CA VAL A 40 -5.97 -8.51 3.43
C VAL A 40 -7.32 -8.42 4.06
N ARG A 41 -7.35 -8.04 5.35
CA ARG A 41 -8.47 -8.29 6.20
C ARG A 41 -9.45 -7.14 6.16
N ASP A 42 -8.98 -5.90 5.90
CA ASP A 42 -9.83 -4.73 5.79
C ASP A 42 -9.59 -4.03 4.48
N PRO A 43 -10.04 -4.51 3.35
CA PRO A 43 -9.64 -4.01 2.06
C PRO A 43 -10.37 -2.72 1.77
N GLN A 44 -11.29 -2.28 2.65
CA GLN A 44 -11.93 -1.02 2.51
C GLN A 44 -10.92 0.04 2.84
N ALA A 45 -10.19 -0.14 3.96
CA ALA A 45 -9.35 0.90 4.47
C ALA A 45 -8.03 0.74 3.82
N PHE A 46 -7.69 -0.52 3.47
CA PHE A 46 -6.53 -0.70 2.63
C PHE A 46 -6.63 0.07 1.35
N GLU A 47 -7.81 0.05 0.68
CA GLU A 47 -7.95 0.72 -0.58
C GLU A 47 -8.01 2.21 -0.44
N GLN A 48 -8.18 2.74 0.79
CA GLN A 48 -8.11 4.16 1.04
C GLN A 48 -6.69 4.60 1.08
N VAL A 49 -5.82 3.75 1.66
CA VAL A 49 -4.40 4.05 1.75
C VAL A 49 -3.85 4.04 0.37
N VAL A 50 -4.32 3.09 -0.46
CA VAL A 50 -3.92 2.93 -1.82
C VAL A 50 -4.39 4.09 -2.63
N ASN A 51 -5.58 4.63 -2.30
CA ASN A 51 -6.17 5.73 -3.04
C ASN A 51 -5.41 7.00 -2.77
N LYS A 52 -4.76 7.10 -1.60
CA LYS A 52 -3.94 8.25 -1.32
C LYS A 52 -2.64 8.14 -2.07
N VAL A 53 -2.08 6.92 -2.13
CA VAL A 53 -0.76 6.66 -2.63
C VAL A 53 -0.76 6.43 -4.11
N LYS A 54 -1.92 6.36 -4.78
CA LYS A 54 -1.88 6.22 -6.20
C LYS A 54 -1.53 7.52 -6.82
N GLU A 55 -1.83 8.59 -6.08
CA GLU A 55 -1.59 9.94 -6.48
C GLU A 55 -0.23 10.36 -6.06
N ALA A 56 0.13 9.95 -4.84
CA ALA A 56 1.41 10.28 -4.27
C ALA A 56 2.50 9.56 -5.01
N LEU A 57 2.22 8.34 -5.48
CA LEU A 57 3.12 7.58 -6.31
C LEU A 57 3.08 8.25 -7.63
N GLN A 58 1.85 8.65 -7.99
CA GLN A 58 1.57 9.28 -9.25
C GLN A 58 1.71 8.24 -10.31
N VAL A 59 1.03 7.11 -10.05
CA VAL A 59 0.73 6.11 -11.03
C VAL A 59 -0.61 6.53 -11.55
N GLN A 60 -1.22 7.54 -10.87
CA GLN A 60 -2.46 8.12 -11.36
C GLN A 60 -2.28 8.68 -12.77
N TRP A 1 3.33 -9.71 8.74
CA TRP A 1 2.83 -8.47 8.11
C TRP A 1 3.83 -8.00 7.10
N ILE A 2 4.01 -8.82 6.03
CA ILE A 2 5.14 -8.69 5.14
C ILE A 2 4.81 -9.09 3.74
N ALA A 3 4.45 -10.37 3.53
CA ALA A 3 4.24 -10.92 2.23
C ALA A 3 2.80 -10.74 1.91
N ARG A 4 2.02 -10.25 2.89
CA ARG A 4 0.62 -9.97 2.71
C ARG A 4 0.48 -8.65 2.03
N ILE A 5 1.54 -7.82 2.08
CA ILE A 5 1.60 -6.51 1.53
C ILE A 5 1.90 -6.69 0.09
N ASN A 6 2.85 -7.60 -0.19
CA ASN A 6 3.24 -7.93 -1.54
C ASN A 6 2.08 -8.52 -2.24
N ALA A 7 1.37 -9.39 -1.51
CA ALA A 7 0.26 -10.12 -2.03
C ALA A 7 -0.90 -9.21 -2.26
N ALA A 8 -0.98 -8.08 -1.53
CA ALA A 8 -2.07 -7.19 -1.71
C ALA A 8 -1.91 -6.39 -2.96
N VAL A 9 -0.68 -5.92 -3.21
CA VAL A 9 -0.47 -4.83 -4.14
C VAL A 9 -0.17 -5.34 -5.50
N ARG A 10 -0.12 -6.68 -5.69
CA ARG A 10 0.27 -7.27 -6.94
C ARG A 10 -0.85 -7.19 -7.93
N ALA A 11 -2.05 -6.80 -7.46
CA ALA A 11 -3.20 -6.59 -8.30
C ALA A 11 -2.94 -5.41 -9.18
N TYR A 12 -2.29 -4.37 -8.61
CA TYR A 12 -2.10 -3.12 -9.28
C TYR A 12 -0.98 -3.26 -10.25
N GLY A 13 0.12 -3.88 -9.81
CA GLY A 13 1.30 -4.01 -10.61
C GLY A 13 2.45 -3.59 -9.77
N LEU A 14 2.14 -3.08 -8.57
CA LEU A 14 3.13 -2.74 -7.60
C LEU A 14 3.57 -4.03 -7.03
N ASN A 15 4.86 -4.07 -6.68
CA ASN A 15 5.46 -5.28 -6.23
C ASN A 15 6.13 -5.06 -4.93
N TYR A 16 5.48 -4.25 -4.05
CA TYR A 16 5.91 -3.95 -2.70
C TYR A 16 6.98 -2.91 -2.69
N SER A 17 7.81 -2.82 -3.76
CA SER A 17 8.97 -1.96 -3.77
C SER A 17 8.62 -0.55 -4.15
N THR A 18 7.69 -0.39 -5.11
CA THR A 18 7.35 0.91 -5.63
C THR A 18 6.22 1.40 -4.79
N PHE A 19 5.49 0.44 -4.20
CA PHE A 19 4.52 0.68 -3.19
C PHE A 19 5.22 1.33 -2.06
N ILE A 20 6.40 0.76 -1.71
CA ILE A 20 7.21 1.12 -0.58
C ILE A 20 7.49 2.60 -0.62
N ASN A 21 7.78 3.12 -1.85
CA ASN A 21 8.29 4.46 -1.97
C ASN A 21 7.20 5.45 -1.87
N GLY A 22 6.11 5.13 -2.58
CA GLY A 22 4.97 5.99 -2.71
C GLY A 22 4.19 6.11 -1.43
N LEU A 23 4.40 5.19 -0.48
CA LEU A 23 3.88 5.34 0.86
C LEU A 23 4.47 6.52 1.56
N LYS A 24 5.77 6.81 1.31
CA LYS A 24 6.46 7.88 1.97
C LYS A 24 6.02 9.17 1.34
N LYS A 25 5.65 9.09 0.04
CA LYS A 25 5.15 10.21 -0.68
C LYS A 25 3.81 10.60 -0.13
N ALA A 26 3.02 9.62 0.35
CA ALA A 26 1.75 9.89 0.94
C ALA A 26 1.95 10.46 2.31
N GLY A 27 2.71 9.73 3.16
CA GLY A 27 2.95 10.09 4.53
C GLY A 27 2.30 9.04 5.38
N ILE A 28 2.28 7.80 4.86
CA ILE A 28 1.63 6.69 5.46
C ILE A 28 2.68 5.61 5.36
N GLU A 29 3.82 5.76 6.07
CA GLU A 29 4.89 4.79 6.00
C GLU A 29 4.58 3.73 7.01
N LEU A 30 3.75 2.76 6.59
CA LEU A 30 3.00 1.99 7.52
C LEU A 30 3.17 0.53 7.21
N ASP A 31 3.73 0.21 6.01
CA ASP A 31 3.87 -1.15 5.54
C ASP A 31 4.98 -1.87 6.16
N ARG A 32 5.67 -1.25 7.14
CA ARG A 32 6.86 -1.86 7.57
C ARG A 32 6.53 -2.86 8.65
N LYS A 33 5.26 -3.35 8.63
CA LYS A 33 4.56 -4.28 9.41
C LYS A 33 3.38 -3.48 9.79
N ILE A 34 2.19 -4.05 9.50
CA ILE A 34 0.92 -3.64 10.03
C ILE A 34 0.42 -2.46 9.26
N LEU A 35 -0.19 -2.82 8.11
CA LEU A 35 -0.85 -2.02 7.12
C LEU A 35 -1.22 -3.08 6.20
N ALA A 36 -0.29 -4.04 6.15
CA ALA A 36 -0.49 -5.38 5.74
C ALA A 36 -1.70 -5.93 6.39
N ASP A 37 -1.93 -5.53 7.66
CA ASP A 37 -3.10 -5.85 8.38
C ASP A 37 -4.25 -5.38 7.60
N MET A 38 -4.31 -4.06 7.35
CA MET A 38 -5.50 -3.50 6.76
C MET A 38 -5.71 -4.02 5.36
N ALA A 39 -4.64 -4.47 4.68
CA ALA A 39 -4.76 -5.00 3.35
C ALA A 39 -5.57 -6.25 3.32
N VAL A 40 -5.50 -7.06 4.38
CA VAL A 40 -6.26 -8.27 4.47
C VAL A 40 -7.59 -7.92 5.03
N ARG A 41 -7.61 -7.49 6.32
CA ARG A 41 -8.79 -7.54 7.13
C ARG A 41 -9.69 -6.35 6.97
N ASP A 42 -9.16 -5.17 6.60
CA ASP A 42 -9.95 -3.97 6.41
C ASP A 42 -9.77 -3.39 5.03
N PRO A 43 -10.41 -3.88 4.01
CA PRO A 43 -10.13 -3.45 2.65
C PRO A 43 -10.76 -2.12 2.37
N GLN A 44 -11.55 -1.57 3.33
CA GLN A 44 -12.13 -0.27 3.19
C GLN A 44 -11.05 0.72 3.46
N ALA A 45 -10.26 0.47 4.52
CA ALA A 45 -9.19 1.35 4.91
C ALA A 45 -8.06 1.15 3.97
N PHE A 46 -7.85 -0.12 3.54
CA PHE A 46 -6.86 -0.39 2.53
C PHE A 46 -7.07 0.41 1.28
N GLU A 47 -8.33 0.56 0.83
CA GLU A 47 -8.62 1.25 -0.40
C GLU A 47 -8.25 2.70 -0.31
N GLN A 48 -8.34 3.29 0.90
CA GLN A 48 -8.02 4.68 1.11
C GLN A 48 -6.54 4.91 1.07
N VAL A 49 -5.76 3.96 1.60
CA VAL A 49 -4.32 4.08 1.64
C VAL A 49 -3.82 4.02 0.24
N VAL A 50 -4.39 3.09 -0.55
CA VAL A 50 -4.04 2.88 -1.92
C VAL A 50 -4.37 4.08 -2.74
N ASN A 51 -5.47 4.76 -2.40
CA ASN A 51 -5.95 5.90 -3.14
C ASN A 51 -5.07 7.09 -2.91
N LYS A 52 -4.47 7.18 -1.71
CA LYS A 52 -3.60 8.29 -1.40
C LYS A 52 -2.28 8.06 -2.10
N VAL A 53 -1.86 6.79 -2.21
CA VAL A 53 -0.57 6.41 -2.73
C VAL A 53 -0.61 6.33 -4.21
N LYS A 54 -1.78 6.26 -4.86
CA LYS A 54 -1.74 6.11 -6.29
C LYS A 54 -1.44 7.43 -6.93
N GLU A 55 -1.86 8.50 -6.25
CA GLU A 55 -1.67 9.83 -6.75
C GLU A 55 -0.38 10.39 -6.30
N ALA A 56 -0.05 10.04 -5.05
CA ALA A 56 1.17 10.45 -4.40
C ALA A 56 2.37 9.78 -5.01
N LEU A 57 2.22 8.51 -5.43
CA LEU A 57 3.25 7.81 -6.16
C LEU A 57 3.24 8.44 -7.50
N GLN A 58 2.01 8.72 -7.95
CA GLN A 58 1.77 9.32 -9.24
C GLN A 58 2.10 8.28 -10.26
N VAL A 59 1.48 7.10 -10.07
CA VAL A 59 1.39 6.08 -11.06
C VAL A 59 0.09 6.41 -11.75
N GLN A 60 -0.65 7.37 -11.14
CA GLN A 60 -1.88 7.85 -11.72
C GLN A 60 -1.59 8.54 -13.04
N TRP A 1 2.82 -5.93 6.60
CA TRP A 1 2.84 -4.66 5.86
C TRP A 1 4.21 -4.80 5.31
N ILE A 2 4.62 -6.10 5.17
CA ILE A 2 5.88 -6.47 4.57
C ILE A 2 5.79 -7.66 3.65
N ALA A 3 5.54 -8.87 4.19
CA ALA A 3 5.61 -10.10 3.45
C ALA A 3 4.21 -10.50 3.19
N ARG A 4 3.33 -10.03 4.10
CA ARG A 4 1.91 -10.08 3.97
C ARG A 4 1.54 -9.28 2.78
N ILE A 5 2.24 -8.15 2.67
CA ILE A 5 1.88 -7.08 1.84
C ILE A 5 2.49 -7.23 0.49
N ASN A 6 3.58 -8.02 0.43
CA ASN A 6 4.19 -8.38 -0.82
C ASN A 6 3.27 -9.29 -1.57
N ALA A 7 2.38 -9.98 -0.82
CA ALA A 7 1.55 -11.02 -1.38
C ALA A 7 0.15 -10.50 -1.52
N ALA A 8 -0.11 -9.27 -1.03
CA ALA A 8 -1.43 -8.73 -1.04
C ALA A 8 -1.60 -7.88 -2.25
N VAL A 9 -0.55 -7.10 -2.59
CA VAL A 9 -0.69 -6.00 -3.50
C VAL A 9 -0.40 -6.44 -4.90
N ARG A 10 -0.14 -7.76 -5.08
CA ARG A 10 0.23 -8.34 -6.34
C ARG A 10 -0.93 -8.39 -7.28
N ALA A 11 -2.16 -8.20 -6.75
CA ALA A 11 -3.35 -8.23 -7.53
C ALA A 11 -3.43 -7.02 -8.40
N TYR A 12 -2.96 -5.87 -7.87
CA TYR A 12 -3.08 -4.61 -8.55
C TYR A 12 -2.07 -4.54 -9.65
N GLY A 13 -0.81 -4.90 -9.34
CA GLY A 13 0.26 -4.74 -10.26
C GLY A 13 1.41 -4.18 -9.49
N LEU A 14 1.11 -3.77 -8.23
CA LEU A 14 2.13 -3.32 -7.33
C LEU A 14 2.85 -4.53 -6.87
N ASN A 15 4.11 -4.32 -6.49
CA ASN A 15 4.93 -5.39 -6.02
C ASN A 15 5.47 -5.01 -4.69
N TYR A 16 4.84 -3.98 -4.08
CA TYR A 16 5.13 -3.43 -2.77
C TYR A 16 6.27 -2.46 -2.89
N SER A 17 7.06 -2.50 -3.98
CA SER A 17 8.18 -1.61 -4.13
C SER A 17 7.69 -0.28 -4.60
N THR A 18 6.61 -0.30 -5.40
CA THR A 18 6.09 0.89 -6.00
C THR A 18 5.19 1.55 -5.00
N PHE A 19 4.52 0.70 -4.19
CA PHE A 19 3.73 1.12 -3.09
C PHE A 19 4.63 1.89 -2.20
N ILE A 20 5.83 1.30 -1.93
CA ILE A 20 6.84 1.80 -1.03
C ILE A 20 7.24 3.17 -1.44
N ASN A 21 7.35 3.41 -2.77
CA ASN A 21 7.90 4.65 -3.26
C ASN A 21 6.99 5.76 -2.94
N GLY A 22 5.71 5.48 -3.16
CA GLY A 22 4.69 6.47 -3.00
C GLY A 22 4.45 6.80 -1.56
N LEU A 23 4.68 5.86 -0.63
CA LEU A 23 4.58 6.18 0.79
C LEU A 23 5.65 7.13 1.18
N LYS A 24 6.87 6.97 0.61
CA LYS A 24 7.99 7.80 0.97
C LYS A 24 7.88 9.11 0.26
N LYS A 25 7.03 9.15 -0.80
CA LYS A 25 6.79 10.33 -1.57
C LYS A 25 5.87 11.18 -0.74
N ALA A 26 5.00 10.50 0.02
CA ALA A 26 4.08 11.13 0.93
C ALA A 26 4.85 11.61 2.12
N GLY A 27 5.83 10.80 2.58
CA GLY A 27 6.66 11.13 3.70
C GLY A 27 6.06 10.46 4.89
N ILE A 28 5.55 9.23 4.67
CA ILE A 28 4.78 8.50 5.63
C ILE A 28 5.46 7.17 5.75
N GLU A 29 5.77 6.76 7.00
CA GLU A 29 6.29 5.44 7.26
C GLU A 29 5.10 4.59 7.54
N LEU A 30 4.79 3.68 6.59
CA LEU A 30 3.55 2.96 6.61
C LEU A 30 3.90 1.49 6.50
N ASP A 31 4.05 0.77 7.67
CA ASP A 31 4.33 -0.66 7.76
C ASP A 31 4.85 -1.03 9.09
N ARG A 32 4.21 -2.10 9.62
CA ARG A 32 4.87 -3.36 9.77
C ARG A 32 3.81 -4.23 10.39
N LYS A 33 2.91 -4.73 9.52
CA LYS A 33 2.02 -5.81 9.76
C LYS A 33 0.85 -5.47 10.59
N ILE A 34 0.06 -4.52 10.06
CA ILE A 34 -1.06 -3.90 10.73
C ILE A 34 -2.05 -3.45 9.67
N LEU A 35 -1.60 -3.01 8.47
CA LEU A 35 -2.51 -2.48 7.48
C LEU A 35 -2.51 -3.49 6.41
N ALA A 36 -1.38 -4.18 6.38
CA ALA A 36 -1.08 -5.48 5.94
C ALA A 36 -2.21 -6.40 5.99
N ASP A 37 -2.85 -6.32 7.15
CA ASP A 37 -3.85 -7.20 7.54
C ASP A 37 -5.02 -6.69 6.83
N MET A 38 -5.18 -5.37 6.92
CA MET A 38 -6.29 -4.66 6.32
C MET A 38 -6.28 -4.72 4.81
N ALA A 39 -5.18 -5.20 4.20
CA ALA A 39 -5.11 -5.33 2.77
C ALA A 39 -6.01 -6.43 2.35
N VAL A 40 -6.15 -7.43 3.23
CA VAL A 40 -6.94 -8.61 2.98
C VAL A 40 -8.30 -8.37 3.58
N ARG A 41 -8.34 -8.01 4.88
CA ARG A 41 -9.50 -8.17 5.69
C ARG A 41 -10.38 -6.96 5.69
N ASP A 42 -9.78 -5.76 5.55
CA ASP A 42 -10.49 -4.51 5.43
C ASP A 42 -10.09 -3.79 4.16
N PRO A 43 -10.42 -4.24 2.98
CA PRO A 43 -9.92 -3.69 1.74
C PRO A 43 -10.64 -2.43 1.41
N GLN A 44 -11.59 -1.98 2.26
CA GLN A 44 -12.20 -0.69 2.13
C GLN A 44 -11.21 0.32 2.60
N ALA A 45 -10.51 0.02 3.73
CA ALA A 45 -9.63 0.94 4.35
C ALA A 45 -8.33 0.84 3.63
N PHE A 46 -7.92 -0.41 3.29
CA PHE A 46 -6.76 -0.51 2.43
C PHE A 46 -6.88 0.27 1.15
N GLU A 47 -8.06 0.26 0.49
CA GLU A 47 -8.21 0.99 -0.75
C GLU A 47 -8.13 2.48 -0.55
N GLN A 48 -8.45 2.98 0.65
CA GLN A 48 -8.34 4.39 0.93
C GLN A 48 -6.91 4.80 1.01
N VAL A 49 -6.04 3.93 1.58
CA VAL A 49 -4.63 4.22 1.70
C VAL A 49 -4.04 4.26 0.33
N VAL A 50 -4.47 3.31 -0.51
CA VAL A 50 -3.99 3.16 -1.86
C VAL A 50 -4.31 4.40 -2.64
N ASN A 51 -5.53 4.94 -2.49
CA ASN A 51 -5.94 6.11 -3.23
C ASN A 51 -5.13 7.29 -2.81
N LYS A 52 -4.81 7.38 -1.51
CA LYS A 52 -4.11 8.50 -0.94
C LYS A 52 -2.67 8.53 -1.38
N VAL A 53 -2.08 7.34 -1.63
CA VAL A 53 -0.69 7.19 -1.98
C VAL A 53 -0.53 7.29 -3.44
N LYS A 54 -1.58 7.06 -4.23
CA LYS A 54 -1.45 7.23 -5.64
C LYS A 54 -1.74 8.65 -5.94
N GLU A 55 -2.16 9.42 -4.93
CA GLU A 55 -2.41 10.82 -5.08
C GLU A 55 -1.23 11.54 -4.55
N ALA A 56 -0.56 10.88 -3.60
CA ALA A 56 0.58 11.47 -2.93
C ALA A 56 1.75 11.30 -3.83
N LEU A 57 1.65 10.26 -4.67
CA LEU A 57 2.58 9.94 -5.70
C LEU A 57 2.13 10.77 -6.84
N GLN A 58 0.80 10.94 -6.91
CA GLN A 58 0.17 11.76 -7.91
C GLN A 58 0.42 11.15 -9.27
N VAL A 59 0.13 9.85 -9.37
CA VAL A 59 0.14 9.10 -10.59
C VAL A 59 -1.32 8.89 -10.86
N GLN A 60 -2.16 9.19 -9.84
CA GLN A 60 -3.58 8.96 -9.91
C GLN A 60 -4.20 9.60 -11.15
N TRP A 1 3.47 -7.49 6.83
CA TRP A 1 3.99 -6.56 5.82
C TRP A 1 4.97 -7.29 4.98
N ILE A 2 4.59 -8.52 4.59
CA ILE A 2 5.42 -9.19 3.65
C ILE A 2 4.65 -9.98 2.63
N ALA A 3 4.13 -11.17 2.99
CA ALA A 3 3.50 -12.03 2.02
C ALA A 3 2.14 -11.50 1.76
N ARG A 4 1.52 -10.97 2.83
CA ARG A 4 0.22 -10.37 2.79
C ARG A 4 0.28 -9.07 2.06
N ILE A 5 1.46 -8.40 2.11
CA ILE A 5 1.61 -7.07 1.62
C ILE A 5 2.00 -7.04 0.19
N ASN A 6 2.50 -8.20 -0.31
CA ASN A 6 2.90 -8.33 -1.68
C ASN A 6 1.69 -8.76 -2.42
N ALA A 7 0.76 -9.33 -1.64
CA ALA A 7 -0.38 -10.00 -2.19
C ALA A 7 -1.47 -9.03 -2.49
N ALA A 8 -1.41 -7.84 -1.85
CA ALA A 8 -2.44 -6.88 -2.00
C ALA A 8 -2.11 -5.96 -3.13
N VAL A 9 -0.80 -5.75 -3.35
CA VAL A 9 -0.31 -4.69 -4.19
C VAL A 9 -0.14 -5.16 -5.59
N ARG A 10 -0.16 -6.48 -5.81
CA ARG A 10 0.21 -7.09 -7.06
C ARG A 10 -0.83 -6.89 -8.11
N ALA A 11 -2.04 -6.43 -7.71
CA ALA A 11 -3.11 -6.17 -8.62
C ALA A 11 -2.80 -4.96 -9.43
N TYR A 12 -2.20 -3.93 -8.80
CA TYR A 12 -2.05 -2.64 -9.39
C TYR A 12 -0.92 -2.65 -10.37
N GLY A 13 0.20 -3.30 -10.00
CA GLY A 13 1.37 -3.29 -10.82
C GLY A 13 2.50 -3.00 -9.88
N LEU A 14 2.13 -2.63 -8.64
CA LEU A 14 3.07 -2.41 -7.58
C LEU A 14 3.54 -3.75 -7.16
N ASN A 15 4.84 -3.78 -6.82
CA ASN A 15 5.54 -4.99 -6.57
C ASN A 15 6.04 -4.93 -5.18
N TYR A 16 5.38 -4.08 -4.35
CA TYR A 16 5.67 -3.84 -2.96
C TYR A 16 6.78 -2.84 -2.81
N SER A 17 7.70 -2.77 -3.79
CA SER A 17 8.86 -1.95 -3.68
C SER A 17 8.52 -0.53 -3.95
N THR A 18 7.67 -0.32 -4.98
CA THR A 18 7.34 1.00 -5.39
C THR A 18 6.21 1.50 -4.55
N PHE A 19 5.45 0.55 -3.96
CA PHE A 19 4.40 0.85 -3.05
C PHE A 19 5.02 1.51 -1.88
N ILE A 20 6.14 0.90 -1.44
CA ILE A 20 6.86 1.27 -0.25
C ILE A 20 7.29 2.69 -0.34
N ASN A 21 7.76 3.11 -1.55
CA ASN A 21 8.30 4.44 -1.72
C ASN A 21 7.25 5.45 -1.60
N GLY A 22 6.13 5.13 -2.25
CA GLY A 22 4.99 6.00 -2.38
C GLY A 22 4.30 6.21 -1.07
N LEU A 23 4.46 5.27 -0.10
CA LEU A 23 3.95 5.51 1.23
C LEU A 23 4.64 6.66 1.89
N LYS A 24 5.97 6.76 1.71
CA LYS A 24 6.78 7.75 2.36
C LYS A 24 6.55 9.06 1.68
N LYS A 25 6.23 8.99 0.37
CA LYS A 25 5.96 10.14 -0.45
C LYS A 25 4.68 10.75 -0.01
N ALA A 26 3.71 9.90 0.39
CA ALA A 26 2.42 10.31 0.86
C ALA A 26 2.58 10.94 2.21
N GLY A 27 3.42 10.32 3.06
CA GLY A 27 3.69 10.81 4.38
C GLY A 27 2.80 10.05 5.29
N ILE A 28 2.50 8.80 4.89
CA ILE A 28 1.67 7.90 5.62
C ILE A 28 2.62 6.76 5.73
N GLU A 29 3.55 6.85 6.72
CA GLU A 29 4.58 5.86 6.88
C GLU A 29 4.00 4.80 7.74
N LEU A 30 3.22 3.93 7.09
CA LEU A 30 2.31 3.05 7.74
C LEU A 30 2.62 1.70 7.19
N ASP A 31 3.30 0.86 7.99
CA ASP A 31 3.77 -0.41 7.51
C ASP A 31 4.34 -1.12 8.68
N ARG A 32 4.53 -2.44 8.47
CA ARG A 32 5.21 -3.39 9.29
C ARG A 32 4.19 -4.07 10.16
N LYS A 33 3.16 -4.63 9.47
CA LYS A 33 2.06 -5.40 9.99
C LYS A 33 1.22 -4.47 10.77
N ILE A 34 0.67 -3.51 10.02
CA ILE A 34 0.19 -2.27 10.54
C ILE A 34 -0.78 -1.84 9.48
N LEU A 35 -0.32 -1.92 8.21
CA LEU A 35 -1.08 -1.45 7.11
C LEU A 35 -1.38 -2.65 6.33
N ALA A 36 -0.42 -3.56 6.41
CA ALA A 36 -0.54 -4.94 6.04
C ALA A 36 -1.61 -5.62 6.82
N ASP A 37 -1.85 -5.14 8.05
CA ASP A 37 -2.88 -5.62 8.91
C ASP A 37 -4.08 -5.23 8.15
N MET A 38 -4.13 -3.94 7.79
CA MET A 38 -5.29 -3.42 7.14
C MET A 38 -5.48 -4.07 5.77
N ALA A 39 -4.44 -4.67 5.17
CA ALA A 39 -4.54 -5.22 3.84
C ALA A 39 -5.49 -6.37 3.83
N VAL A 40 -5.45 -7.20 4.89
CA VAL A 40 -6.22 -8.40 4.93
C VAL A 40 -7.47 -8.10 5.68
N ARG A 41 -7.31 -7.38 6.81
CA ARG A 41 -8.31 -7.31 7.84
C ARG A 41 -9.27 -6.20 7.57
N ASP A 42 -8.78 -5.06 7.02
CA ASP A 42 -9.60 -3.91 6.71
C ASP A 42 -9.42 -3.50 5.27
N PRO A 43 -9.91 -4.21 4.28
CA PRO A 43 -9.54 -3.98 2.91
C PRO A 43 -10.24 -2.75 2.39
N GLN A 44 -11.20 -2.18 3.15
CA GLN A 44 -11.85 -0.96 2.80
C GLN A 44 -10.85 0.14 3.02
N ALA A 45 -10.14 0.09 4.16
CA ALA A 45 -9.18 1.10 4.50
C ALA A 45 -7.94 0.89 3.70
N PHE A 46 -7.57 -0.39 3.41
CA PHE A 46 -6.49 -0.64 2.49
C PHE A 46 -6.67 0.07 1.18
N GLU A 47 -7.88 0.01 0.59
CA GLU A 47 -8.11 0.60 -0.71
C GLU A 47 -8.14 2.10 -0.66
N GLN A 48 -8.26 2.70 0.53
CA GLN A 48 -8.22 4.14 0.69
C GLN A 48 -6.80 4.61 0.72
N VAL A 49 -5.91 3.80 1.31
CA VAL A 49 -4.51 4.15 1.40
C VAL A 49 -3.93 4.00 0.02
N VAL A 50 -4.45 3.02 -0.75
CA VAL A 50 -4.07 2.83 -2.12
C VAL A 50 -4.57 3.98 -2.93
N ASN A 51 -5.77 4.50 -2.60
CA ASN A 51 -6.33 5.62 -3.32
C ASN A 51 -5.51 6.86 -3.09
N LYS A 52 -4.80 6.92 -1.95
CA LYS A 52 -3.87 8.00 -1.73
C LYS A 52 -2.63 7.77 -2.55
N VAL A 53 -2.03 6.56 -2.46
CA VAL A 53 -0.73 6.21 -3.03
C VAL A 53 -0.89 5.71 -4.43
N LYS A 54 -2.02 6.03 -5.09
CA LYS A 54 -2.02 5.93 -6.51
C LYS A 54 -1.41 7.19 -7.03
N GLU A 55 -1.80 8.34 -6.48
CA GLU A 55 -1.39 9.60 -7.05
C GLU A 55 -0.21 10.10 -6.35
N ALA A 56 -0.15 9.73 -5.08
CA ALA A 56 0.99 9.98 -4.25
C ALA A 56 2.12 9.06 -4.66
N LEU A 57 1.83 7.93 -5.35
CA LEU A 57 2.88 7.28 -6.10
C LEU A 57 3.22 8.22 -7.20
N GLN A 58 2.24 8.46 -8.09
CA GLN A 58 2.52 9.18 -9.29
C GLN A 58 1.24 9.77 -9.80
N VAL A 59 0.32 8.90 -10.28
CA VAL A 59 -0.90 9.35 -10.86
C VAL A 59 -1.77 8.13 -10.85
N GLN A 60 -1.09 6.96 -10.88
CA GLN A 60 -1.70 5.69 -11.16
C GLN A 60 -1.43 4.70 -10.04
N TRP A 1 3.14 -10.01 8.34
CA TRP A 1 2.75 -8.73 7.75
C TRP A 1 3.85 -8.18 6.89
N ILE A 2 4.24 -8.95 5.84
CA ILE A 2 5.38 -8.65 5.00
C ILE A 2 5.08 -9.11 3.62
N ALA A 3 4.79 -10.42 3.51
CA ALA A 3 4.50 -11.09 2.30
C ALA A 3 3.03 -11.04 2.20
N ARG A 4 2.40 -10.49 3.26
CA ARG A 4 1.02 -10.22 3.35
C ARG A 4 0.74 -8.95 2.61
N ILE A 5 1.71 -8.00 2.64
CA ILE A 5 1.62 -6.75 2.00
C ILE A 5 1.92 -7.01 0.57
N ASN A 6 2.93 -7.88 0.32
CA ASN A 6 3.29 -8.27 -1.01
C ASN A 6 2.15 -8.98 -1.67
N ALA A 7 1.32 -9.66 -0.86
CA ALA A 7 0.21 -10.41 -1.37
C ALA A 7 -0.97 -9.53 -1.62
N ALA A 8 -1.02 -8.35 -0.96
CA ALA A 8 -2.16 -7.49 -1.12
C ALA A 8 -2.02 -6.64 -2.34
N VAL A 9 -0.78 -6.41 -2.80
CA VAL A 9 -0.51 -5.39 -3.77
C VAL A 9 -0.54 -5.97 -5.14
N ARG A 10 -0.44 -7.32 -5.23
CA ARG A 10 -0.38 -8.02 -6.48
C ARG A 10 -1.77 -8.11 -7.02
N ALA A 11 -2.14 -7.11 -7.85
CA ALA A 11 -3.47 -6.95 -8.31
C ALA A 11 -3.40 -5.75 -9.20
N TYR A 12 -2.75 -4.69 -8.67
CA TYR A 12 -2.69 -3.42 -9.30
C TYR A 12 -1.57 -3.44 -10.29
N GLY A 13 -0.40 -3.95 -9.87
CA GLY A 13 0.80 -3.83 -10.64
C GLY A 13 1.86 -3.45 -9.66
N LEU A 14 1.42 -3.08 -8.45
CA LEU A 14 2.30 -2.75 -7.36
C LEU A 14 2.87 -4.02 -6.88
N ASN A 15 4.15 -3.94 -6.48
CA ASN A 15 4.93 -5.08 -6.15
C ASN A 15 5.44 -4.95 -4.76
N TYR A 16 4.94 -3.91 -4.03
CA TYR A 16 5.24 -3.59 -2.65
C TYR A 16 6.37 -2.62 -2.64
N SER A 17 7.20 -2.59 -3.71
CA SER A 17 8.36 -1.75 -3.75
C SER A 17 7.97 -0.36 -4.09
N THR A 18 7.07 -0.25 -5.08
CA THR A 18 6.67 1.03 -5.59
C THR A 18 5.62 1.60 -4.68
N PHE A 19 4.91 0.71 -3.97
CA PHE A 19 3.92 1.15 -3.04
C PHE A 19 4.64 1.75 -1.90
N ILE A 20 5.76 1.10 -1.54
CA ILE A 20 6.59 1.50 -0.44
C ILE A 20 7.02 2.91 -0.66
N ASN A 21 7.44 3.21 -1.92
CA ASN A 21 8.08 4.47 -2.19
C ASN A 21 7.12 5.59 -2.11
N GLY A 22 5.96 5.37 -2.70
CA GLY A 22 4.92 6.36 -2.84
C GLY A 22 4.29 6.72 -1.53
N LEU A 23 4.29 5.78 -0.56
CA LEU A 23 3.85 6.12 0.78
C LEU A 23 4.75 7.16 1.35
N LYS A 24 6.07 7.00 1.15
CA LYS A 24 7.06 7.81 1.78
C LYS A 24 7.21 9.08 1.02
N LYS A 25 6.67 9.09 -0.21
CA LYS A 25 6.67 10.24 -1.07
C LYS A 25 5.60 11.15 -0.56
N ALA A 26 4.52 10.55 0.00
CA ALA A 26 3.54 11.32 0.69
C ALA A 26 4.12 11.78 1.99
N GLY A 27 4.71 10.83 2.75
CA GLY A 27 5.34 11.12 4.00
C GLY A 27 4.64 10.36 5.06
N ILE A 28 4.11 9.17 4.68
CA ILE A 28 3.29 8.39 5.55
C ILE A 28 4.22 7.43 6.23
N GLU A 29 5.12 6.77 5.45
CA GLU A 29 6.06 5.77 5.91
C GLU A 29 5.31 4.65 6.55
N LEU A 30 4.52 3.91 5.75
CA LEU A 30 3.67 2.89 6.29
C LEU A 30 3.90 1.57 5.60
N ASP A 31 2.91 0.64 5.73
CA ASP A 31 2.94 -0.74 5.31
C ASP A 31 4.24 -1.33 5.71
N ARG A 32 4.48 -1.35 7.02
CA ARG A 32 5.71 -1.87 7.52
C ARG A 32 5.38 -3.27 7.88
N LYS A 33 4.23 -3.42 8.57
CA LYS A 33 3.76 -4.60 9.17
C LYS A 33 2.70 -4.07 10.05
N ILE A 34 1.55 -4.79 10.06
CA ILE A 34 0.50 -4.75 11.05
C ILE A 34 -0.45 -3.66 10.62
N LEU A 35 -0.18 -3.07 9.44
CA LEU A 35 -1.15 -2.28 8.71
C LEU A 35 -1.62 -3.17 7.69
N ALA A 36 -0.71 -4.07 7.32
CA ALA A 36 -0.87 -5.11 6.36
C ALA A 36 -1.97 -6.02 6.72
N ASP A 37 -2.41 -5.95 7.98
CA ASP A 37 -3.64 -6.52 8.37
C ASP A 37 -4.68 -5.94 7.51
N MET A 38 -4.77 -4.62 7.50
CA MET A 38 -5.83 -4.00 6.76
C MET A 38 -5.62 -4.24 5.29
N ALA A 39 -4.36 -4.41 4.84
CA ALA A 39 -4.08 -4.63 3.45
C ALA A 39 -4.76 -5.84 2.91
N VAL A 40 -4.96 -6.88 3.76
CA VAL A 40 -5.64 -8.07 3.35
C VAL A 40 -7.08 -7.97 3.78
N ARG A 41 -7.33 -7.90 5.11
CA ARG A 41 -8.60 -8.24 5.67
C ARG A 41 -9.54 -7.08 5.81
N ASP A 42 -9.04 -5.83 5.68
CA ASP A 42 -9.87 -4.65 5.56
C ASP A 42 -9.61 -3.96 4.24
N PRO A 43 -10.08 -4.44 3.12
CA PRO A 43 -9.68 -3.96 1.83
C PRO A 43 -10.39 -2.67 1.50
N GLN A 44 -11.30 -2.18 2.37
CA GLN A 44 -11.96 -0.93 2.17
C GLN A 44 -10.98 0.12 2.60
N ALA A 45 -10.38 -0.07 3.78
CA ALA A 45 -9.45 0.87 4.33
C ALA A 45 -8.17 0.76 3.56
N PHE A 46 -7.77 -0.47 3.17
CA PHE A 46 -6.68 -0.61 2.24
C PHE A 46 -6.87 0.19 0.98
N GLU A 47 -8.09 0.21 0.39
CA GLU A 47 -8.34 0.89 -0.84
C GLU A 47 -8.14 2.38 -0.67
N GLN A 48 -8.44 2.92 0.53
CA GLN A 48 -8.28 4.32 0.80
C GLN A 48 -6.83 4.71 0.85
N VAL A 49 -5.98 3.83 1.41
CA VAL A 49 -4.56 4.11 1.53
C VAL A 49 -3.97 4.07 0.15
N VAL A 50 -4.45 3.14 -0.69
CA VAL A 50 -4.03 2.95 -2.05
C VAL A 50 -4.42 4.15 -2.87
N ASN A 51 -5.59 4.73 -2.56
CA ASN A 51 -6.14 5.83 -3.31
C ASN A 51 -5.40 7.09 -2.96
N LYS A 52 -4.80 7.15 -1.76
CA LYS A 52 -4.02 8.28 -1.39
C LYS A 52 -2.71 8.23 -2.13
N VAL A 53 -2.12 7.03 -2.22
CA VAL A 53 -0.79 6.80 -2.73
C VAL A 53 -0.78 6.63 -4.21
N LYS A 54 -1.94 6.53 -4.88
CA LYS A 54 -1.87 6.52 -6.32
C LYS A 54 -1.59 7.91 -6.77
N GLU A 55 -2.07 8.87 -5.99
CA GLU A 55 -1.96 10.26 -6.30
C GLU A 55 -0.69 10.80 -5.80
N ALA A 56 -0.29 10.31 -4.62
CA ALA A 56 0.92 10.76 -3.98
C ALA A 56 2.11 10.15 -4.65
N LEU A 57 1.91 9.02 -5.35
CA LEU A 57 2.94 8.41 -6.16
C LEU A 57 2.99 9.22 -7.39
N GLN A 58 1.80 9.70 -7.79
CA GLN A 58 1.60 10.45 -9.00
C GLN A 58 1.75 9.51 -10.16
N VAL A 59 1.17 8.30 -10.00
CA VAL A 59 0.98 7.40 -11.09
C VAL A 59 -0.40 7.74 -11.59
N GLN A 60 -1.12 8.60 -10.81
CA GLN A 60 -2.38 9.13 -11.23
C GLN A 60 -2.26 9.87 -12.57
N TRP A 1 3.29 -7.71 7.02
CA TRP A 1 3.91 -6.84 6.03
C TRP A 1 4.93 -7.63 5.28
N ILE A 2 4.49 -8.77 4.72
CA ILE A 2 5.37 -9.40 3.79
C ILE A 2 4.65 -10.14 2.70
N ALA A 3 4.07 -11.32 3.01
CA ALA A 3 3.50 -12.17 2.02
C ALA A 3 2.12 -11.68 1.77
N ARG A 4 1.50 -11.18 2.84
CA ARG A 4 0.19 -10.60 2.81
C ARG A 4 0.26 -9.27 2.13
N ILE A 5 1.44 -8.63 2.19
CA ILE A 5 1.61 -7.28 1.74
C ILE A 5 2.06 -7.25 0.31
N ASN A 6 2.61 -8.38 -0.17
CA ASN A 6 3.04 -8.51 -1.53
C ASN A 6 1.84 -8.87 -2.31
N ALA A 7 0.88 -9.48 -1.58
CA ALA A 7 -0.27 -10.09 -2.19
C ALA A 7 -1.30 -9.04 -2.41
N ALA A 8 -1.19 -7.92 -1.67
CA ALA A 8 -2.15 -6.88 -1.76
C ALA A 8 -1.80 -6.01 -2.92
N VAL A 9 -0.49 -5.80 -3.14
CA VAL A 9 -0.02 -4.76 -4.01
C VAL A 9 0.14 -5.26 -5.42
N ARG A 10 0.10 -6.60 -5.63
CA ARG A 10 0.43 -7.17 -6.90
C ARG A 10 -0.64 -6.96 -7.92
N ALA A 11 -1.83 -6.51 -7.48
CA ALA A 11 -2.96 -6.33 -8.35
C ALA A 11 -2.73 -5.11 -9.18
N TYR A 12 -2.03 -4.11 -8.61
CA TYR A 12 -1.92 -2.83 -9.23
C TYR A 12 -0.81 -2.85 -10.22
N GLY A 13 0.33 -3.46 -9.84
CA GLY A 13 1.50 -3.45 -10.67
C GLY A 13 2.64 -3.13 -9.76
N LEU A 14 2.31 -2.74 -8.51
CA LEU A 14 3.28 -2.48 -7.50
C LEU A 14 3.80 -3.79 -7.05
N ASN A 15 5.10 -3.77 -6.75
CA ASN A 15 5.83 -4.95 -6.47
C ASN A 15 6.37 -4.83 -5.09
N TYR A 16 5.70 -4.01 -4.25
CA TYR A 16 5.99 -3.77 -2.87
C TYR A 16 7.09 -2.76 -2.72
N SER A 17 7.98 -2.64 -3.72
CA SER A 17 9.11 -1.75 -3.66
C SER A 17 8.68 -0.37 -4.05
N THR A 18 7.75 -0.30 -5.01
CA THR A 18 7.31 0.96 -5.54
C THR A 18 6.16 1.43 -4.69
N PHE A 19 5.53 0.47 -3.99
CA PHE A 19 4.56 0.77 -2.99
C PHE A 19 5.27 1.51 -1.92
N ILE A 20 6.45 0.96 -1.56
CA ILE A 20 7.30 1.42 -0.49
C ILE A 20 7.67 2.85 -0.74
N ASN A 21 7.94 3.22 -2.01
CA ASN A 21 8.46 4.53 -2.32
C ASN A 21 7.40 5.54 -2.17
N GLY A 22 6.24 5.20 -2.72
CA GLY A 22 5.10 6.08 -2.76
C GLY A 22 4.48 6.26 -1.41
N LEU A 23 4.80 5.39 -0.42
CA LEU A 23 4.40 5.66 0.95
C LEU A 23 5.06 6.89 1.49
N LYS A 24 6.32 7.16 1.09
CA LYS A 24 7.08 8.28 1.57
C LYS A 24 6.50 9.52 0.96
N LYS A 25 6.08 9.40 -0.31
CA LYS A 25 5.51 10.47 -1.05
C LYS A 25 4.18 10.85 -0.47
N ALA A 26 3.47 9.86 0.11
CA ALA A 26 2.17 10.05 0.69
C ALA A 26 2.33 10.70 2.02
N GLY A 27 3.07 10.04 2.93
CA GLY A 27 3.29 10.51 4.28
C GLY A 27 2.64 9.52 5.19
N ILE A 28 2.69 8.24 4.78
CA ILE A 28 2.11 7.14 5.47
C ILE A 28 3.25 6.57 6.23
N GLU A 29 4.25 6.00 5.50
CA GLU A 29 5.51 5.53 6.03
C GLU A 29 5.28 4.60 7.18
N LEU A 30 4.44 3.58 6.94
CA LEU A 30 3.80 2.89 8.03
C LEU A 30 4.21 1.44 7.91
N ASP A 31 3.22 0.51 7.90
CA ASP A 31 3.43 -0.91 7.67
C ASP A 31 4.08 -1.53 8.85
N ARG A 32 4.42 -2.82 8.65
CA ARG A 32 5.03 -3.74 9.57
C ARG A 32 3.97 -4.42 10.38
N LYS A 33 2.95 -4.95 9.66
CA LYS A 33 1.83 -5.73 10.12
C LYS A 33 0.96 -4.82 10.88
N ILE A 34 0.41 -3.86 10.11
CA ILE A 34 -0.12 -2.65 10.64
C ILE A 34 -1.03 -2.20 9.55
N LEU A 35 -0.52 -2.24 8.30
CA LEU A 35 -1.26 -1.76 7.18
C LEU A 35 -1.56 -2.97 6.41
N ALA A 36 -0.60 -3.89 6.49
CA ALA A 36 -0.71 -5.26 6.09
C ALA A 36 -1.84 -5.92 6.76
N ASP A 37 -2.10 -5.49 8.01
CA ASP A 37 -3.15 -5.93 8.85
C ASP A 37 -4.31 -5.51 8.04
N MET A 38 -4.37 -4.20 7.76
CA MET A 38 -5.56 -3.65 7.18
C MET A 38 -5.76 -4.15 5.76
N ALA A 39 -4.74 -4.74 5.12
CA ALA A 39 -4.88 -5.29 3.79
C ALA A 39 -5.84 -6.43 3.80
N VAL A 40 -5.78 -7.25 4.87
CA VAL A 40 -6.57 -8.43 4.95
C VAL A 40 -7.88 -8.06 5.56
N ARG A 41 -7.83 -7.55 6.81
CA ARG A 41 -8.98 -7.46 7.64
C ARG A 41 -9.79 -6.22 7.45
N ASP A 42 -9.18 -5.10 6.98
CA ASP A 42 -9.90 -3.88 6.70
C ASP A 42 -9.69 -3.41 5.27
N PRO A 43 -10.17 -4.05 4.25
CA PRO A 43 -9.78 -3.78 2.89
C PRO A 43 -10.43 -2.53 2.39
N GLN A 44 -11.34 -1.91 3.18
CA GLN A 44 -11.93 -0.66 2.84
C GLN A 44 -10.92 0.41 3.11
N ALA A 45 -10.17 0.27 4.23
CA ALA A 45 -9.24 1.28 4.64
C ALA A 45 -7.99 1.05 3.87
N PHE A 46 -7.67 -0.23 3.59
CA PHE A 46 -6.60 -0.52 2.65
C PHE A 46 -6.82 0.16 1.34
N GLU A 47 -8.07 0.18 0.82
CA GLU A 47 -8.38 0.76 -0.47
C GLU A 47 -8.19 2.25 -0.45
N GLN A 48 -8.38 2.90 0.71
CA GLN A 48 -8.23 4.32 0.84
C GLN A 48 -6.78 4.69 0.79
N VAL A 49 -5.93 3.84 1.37
CA VAL A 49 -4.51 4.05 1.44
C VAL A 49 -3.94 3.89 0.08
N VAL A 50 -4.48 2.92 -0.67
CA VAL A 50 -4.08 2.63 -2.01
C VAL A 50 -4.37 3.81 -2.87
N ASN A 51 -5.57 4.40 -2.70
CA ASN A 51 -5.97 5.56 -3.48
C ASN A 51 -5.04 6.70 -3.24
N LYS A 52 -4.60 6.87 -1.98
CA LYS A 52 -3.74 7.95 -1.58
C LYS A 52 -2.36 7.81 -2.17
N VAL A 53 -1.87 6.56 -2.35
CA VAL A 53 -0.53 6.28 -2.81
C VAL A 53 -0.51 6.26 -4.29
N LYS A 54 -1.67 6.13 -4.95
CA LYS A 54 -1.69 6.15 -6.38
C LYS A 54 -1.74 7.57 -6.82
N GLU A 55 -2.04 8.46 -5.87
CA GLU A 55 -2.16 9.85 -6.13
C GLU A 55 -0.92 10.51 -5.69
N ALA A 56 -0.29 9.83 -4.72
CA ALA A 56 0.90 10.37 -4.10
C ALA A 56 2.02 10.12 -5.02
N LEU A 57 1.91 8.97 -5.70
CA LEU A 57 2.81 8.52 -6.71
C LEU A 57 2.41 9.29 -7.91
N GLN A 58 1.08 9.49 -8.00
CA GLN A 58 0.46 10.21 -9.07
C GLN A 58 0.71 9.46 -10.34
N VAL A 59 0.40 8.14 -10.27
CA VAL A 59 0.33 7.29 -11.41
C VAL A 59 -1.13 7.28 -11.73
N GLN A 60 -1.93 7.88 -10.81
CA GLN A 60 -3.37 7.95 -10.96
C GLN A 60 -3.77 8.55 -12.31
N TRP A 1 7.56 -7.93 7.98
CA TRP A 1 6.34 -7.65 7.21
C TRP A 1 6.63 -7.83 5.75
N ILE A 2 6.09 -8.94 5.16
CA ILE A 2 6.66 -9.51 3.96
C ILE A 2 5.65 -10.00 2.96
N ALA A 3 5.20 -11.27 3.11
CA ALA A 3 4.42 -11.99 2.15
C ALA A 3 3.01 -11.58 2.32
N ARG A 4 2.76 -10.99 3.50
CA ARG A 4 1.52 -10.39 3.89
C ARG A 4 1.19 -9.24 2.98
N ILE A 5 2.23 -8.46 2.63
CA ILE A 5 2.09 -7.24 1.93
C ILE A 5 2.11 -7.56 0.49
N ASN A 6 3.01 -8.48 0.12
CA ASN A 6 3.16 -8.91 -1.24
C ASN A 6 1.90 -9.51 -1.77
N ALA A 7 1.07 -10.06 -0.87
CA ALA A 7 -0.13 -10.72 -1.28
C ALA A 7 -1.23 -9.74 -1.53
N ALA A 8 -1.15 -8.56 -0.88
CA ALA A 8 -2.18 -7.58 -1.02
C ALA A 8 -1.93 -6.73 -2.21
N VAL A 9 -0.65 -6.44 -2.50
CA VAL A 9 -0.29 -5.38 -3.41
C VAL A 9 -0.24 -5.90 -4.81
N ARG A 10 -0.22 -7.24 -4.96
CA ARG A 10 0.00 -7.89 -6.23
C ARG A 10 -1.20 -7.75 -7.12
N ALA A 11 -2.37 -7.45 -6.53
CA ALA A 11 -3.60 -7.33 -7.27
C ALA A 11 -3.60 -6.04 -8.03
N TYR A 12 -2.98 -5.00 -7.44
CA TYR A 12 -3.04 -3.67 -7.97
C TYR A 12 -2.14 -3.55 -9.14
N GLY A 13 -0.89 -4.05 -9.01
CA GLY A 13 0.11 -3.89 -10.03
C GLY A 13 1.32 -3.39 -9.33
N LEU A 14 1.15 -3.07 -8.03
CA LEU A 14 2.25 -2.69 -7.19
C LEU A 14 3.01 -3.93 -6.91
N ASN A 15 4.34 -3.75 -6.80
CA ASN A 15 5.24 -4.83 -6.61
C ASN A 15 5.91 -4.60 -5.30
N TYR A 16 5.36 -3.62 -4.55
CA TYR A 16 5.75 -3.22 -3.23
C TYR A 16 6.92 -2.28 -3.29
N SER A 17 7.62 -2.19 -4.43
CA SER A 17 8.76 -1.34 -4.58
C SER A 17 8.30 0.06 -4.84
N THR A 18 7.23 0.16 -5.64
CA THR A 18 6.70 1.43 -6.03
C THR A 18 5.86 1.96 -4.91
N PHE A 19 5.23 1.02 -4.16
CA PHE A 19 4.46 1.38 -3.01
C PHE A 19 5.41 1.96 -2.03
N ILE A 20 6.59 1.31 -1.94
CA ILE A 20 7.63 1.62 -1.00
C ILE A 20 7.97 3.07 -1.11
N ASN A 21 8.04 3.59 -2.35
CA ASN A 21 8.51 4.92 -2.59
C ASN A 21 7.48 5.94 -2.23
N GLY A 22 6.29 5.76 -2.80
CA GLY A 22 5.30 6.82 -2.83
C GLY A 22 4.52 6.93 -1.56
N LEU A 23 4.66 5.93 -0.67
CA LEU A 23 4.20 5.97 0.68
C LEU A 23 4.86 7.11 1.40
N LYS A 24 6.18 7.26 1.19
CA LYS A 24 6.96 8.22 1.90
C LYS A 24 6.58 9.60 1.43
N LYS A 25 6.24 9.72 0.14
CA LYS A 25 5.81 10.97 -0.43
C LYS A 25 4.51 11.37 0.19
N ALA A 26 3.61 10.40 0.40
CA ALA A 26 2.31 10.63 0.98
C ALA A 26 2.42 11.03 2.42
N GLY A 27 2.92 10.10 3.26
CA GLY A 27 2.93 10.26 4.69
C GLY A 27 1.78 9.44 5.15
N ILE A 28 1.72 8.22 4.61
CA ILE A 28 0.57 7.37 4.73
C ILE A 28 0.78 6.38 5.84
N GLU A 29 -0.30 5.63 6.19
CA GLU A 29 -0.24 4.48 7.05
C GLU A 29 0.52 3.44 6.30
N LEU A 30 1.62 3.00 6.91
CA LEU A 30 2.69 2.35 6.20
C LEU A 30 2.62 0.86 6.29
N ASP A 31 2.97 0.20 5.16
CA ASP A 31 2.82 -1.23 5.00
C ASP A 31 3.71 -1.94 5.94
N ARG A 32 3.06 -2.61 6.89
CA ARG A 32 3.63 -3.60 7.74
C ARG A 32 2.71 -4.77 7.51
N LYS A 33 2.80 -5.84 8.33
CA LYS A 33 1.96 -7.01 8.19
C LYS A 33 0.89 -6.81 9.20
N ILE A 34 1.12 -5.71 9.91
CA ILE A 34 0.48 -5.18 11.03
C ILE A 34 -0.33 -4.07 10.46
N LEU A 35 -0.03 -3.69 9.19
CA LEU A 35 -0.90 -2.76 8.50
C LEU A 35 -1.59 -3.56 7.53
N ALA A 36 -0.88 -4.58 7.02
CA ALA A 36 -1.42 -5.45 6.02
C ALA A 36 -2.36 -6.44 6.63
N ASP A 37 -2.78 -6.16 7.85
CA ASP A 37 -4.00 -6.66 8.34
C ASP A 37 -5.11 -5.91 7.70
N MET A 38 -4.92 -4.60 7.59
CA MET A 38 -5.88 -3.79 6.90
C MET A 38 -5.72 -4.03 5.41
N ALA A 39 -4.51 -4.29 4.90
CA ALA A 39 -4.31 -4.37 3.46
C ALA A 39 -5.07 -5.49 2.86
N VAL A 40 -5.25 -6.56 3.64
CA VAL A 40 -5.85 -7.75 3.18
C VAL A 40 -7.29 -7.65 3.58
N ARG A 41 -7.52 -7.46 4.91
CA ARG A 41 -8.78 -7.79 5.50
C ARG A 41 -9.65 -6.58 5.73
N ASP A 42 -9.11 -5.35 5.58
CA ASP A 42 -9.89 -4.14 5.57
C ASP A 42 -9.62 -3.36 4.30
N PRO A 43 -10.11 -3.74 3.15
CA PRO A 43 -9.80 -3.10 1.90
C PRO A 43 -10.59 -1.82 1.76
N GLN A 44 -11.38 -1.41 2.76
CA GLN A 44 -12.03 -0.14 2.72
C GLN A 44 -10.97 0.86 3.05
N ALA A 45 -10.23 0.59 4.15
CA ALA A 45 -9.20 1.46 4.62
C ALA A 45 -7.99 1.30 3.75
N PHE A 46 -7.63 0.06 3.35
CA PHE A 46 -6.53 -0.06 2.41
C PHE A 46 -6.75 0.62 1.09
N GLU A 47 -7.99 0.69 0.56
CA GLU A 47 -8.15 1.33 -0.72
C GLU A 47 -8.07 2.83 -0.61
N GLN A 48 -8.13 3.37 0.62
CA GLN A 48 -7.90 4.77 0.86
C GLN A 48 -6.44 5.05 0.92
N VAL A 49 -5.67 4.06 1.43
CA VAL A 49 -4.23 4.15 1.49
C VAL A 49 -3.74 4.25 0.09
N VAL A 50 -4.29 3.36 -0.77
CA VAL A 50 -3.94 3.25 -2.15
C VAL A 50 -4.39 4.47 -2.87
N ASN A 51 -5.51 5.08 -2.46
CA ASN A 51 -6.04 6.26 -3.10
C ASN A 51 -5.15 7.45 -2.86
N LYS A 52 -4.41 7.48 -1.74
CA LYS A 52 -3.47 8.56 -1.57
C LYS A 52 -2.22 8.27 -2.36
N VAL A 53 -1.76 7.00 -2.37
CA VAL A 53 -0.49 6.61 -2.91
C VAL A 53 -0.59 6.32 -4.39
N LYS A 54 -1.76 6.51 -5.01
CA LYS A 54 -1.81 6.40 -6.44
C LYS A 54 -1.30 7.68 -7.01
N GLU A 55 -1.49 8.75 -6.24
CA GLU A 55 -1.18 10.08 -6.64
C GLU A 55 0.16 10.44 -6.10
N ALA A 56 0.49 9.84 -4.96
CA ALA A 56 1.77 10.05 -4.33
C ALA A 56 2.77 9.09 -4.93
N LEU A 57 2.29 8.14 -5.77
CA LEU A 57 3.17 7.41 -6.64
C LEU A 57 3.29 8.27 -7.84
N GLN A 58 2.17 8.94 -8.16
CA GLN A 58 2.05 9.85 -9.27
C GLN A 58 2.06 9.02 -10.52
N VAL A 59 1.42 7.84 -10.42
CA VAL A 59 1.18 7.00 -11.56
C VAL A 59 -0.13 7.49 -12.10
N GLN A 60 -0.84 8.30 -11.29
CA GLN A 60 -2.10 8.85 -11.73
C GLN A 60 -1.88 9.77 -12.94
N TRP A 1 3.59 -9.96 8.72
CA TRP A 1 3.06 -8.80 7.99
C TRP A 1 4.08 -8.31 7.03
N ILE A 2 4.02 -8.83 5.78
CA ILE A 2 5.09 -8.62 4.85
C ILE A 2 4.61 -8.84 3.46
N ALA A 3 4.23 -10.09 3.17
CA ALA A 3 3.88 -10.53 1.85
C ALA A 3 2.40 -10.57 1.80
N ARG A 4 1.74 -10.03 2.85
CA ARG A 4 0.33 -9.84 2.81
C ARG A 4 0.09 -8.59 2.04
N ILE A 5 1.07 -7.66 2.08
CA ILE A 5 1.06 -6.40 1.45
C ILE A 5 1.39 -6.66 0.03
N ASN A 6 2.40 -7.52 -0.22
CA ASN A 6 2.81 -7.90 -1.54
C ASN A 6 1.64 -8.53 -2.24
N ALA A 7 0.93 -9.37 -1.47
CA ALA A 7 -0.19 -10.11 -1.98
C ALA A 7 -1.35 -9.22 -2.24
N ALA A 8 -1.43 -8.07 -1.55
CA ALA A 8 -2.53 -7.18 -1.75
C ALA A 8 -2.32 -6.32 -2.96
N VAL A 9 -1.05 -5.93 -3.22
CA VAL A 9 -0.76 -4.91 -4.18
C VAL A 9 -0.48 -5.45 -5.54
N ARG A 10 -0.49 -6.79 -5.71
CA ARG A 10 -0.10 -7.42 -6.95
C ARG A 10 -1.28 -7.51 -7.89
N ALA A 11 -2.24 -6.57 -7.75
CA ALA A 11 -3.35 -6.43 -8.63
C ALA A 11 -3.09 -5.20 -9.44
N TYR A 12 -2.30 -4.27 -8.86
CA TYR A 12 -2.15 -2.95 -9.41
C TYR A 12 -1.03 -2.96 -10.40
N GLY A 13 0.14 -3.48 -9.99
CA GLY A 13 1.33 -3.40 -10.78
C GLY A 13 2.44 -3.12 -9.82
N LEU A 14 2.04 -2.71 -8.61
CA LEU A 14 2.92 -2.51 -7.50
C LEU A 14 3.33 -3.86 -7.04
N ASN A 15 4.59 -3.94 -6.61
CA ASN A 15 5.22 -5.17 -6.26
C ASN A 15 5.73 -5.05 -4.87
N TYR A 16 5.12 -4.13 -4.09
CA TYR A 16 5.44 -3.85 -2.70
C TYR A 16 6.61 -2.90 -2.62
N SER A 17 7.54 -2.97 -3.59
CA SER A 17 8.80 -2.28 -3.52
C SER A 17 8.63 -0.86 -3.93
N THR A 18 7.71 -0.62 -4.88
CA THR A 18 7.50 0.70 -5.38
C THR A 18 6.51 1.37 -4.49
N PHE A 19 5.72 0.53 -3.79
CA PHE A 19 4.75 0.98 -2.83
C PHE A 19 5.53 1.59 -1.72
N ILE A 20 6.64 0.92 -1.35
CA ILE A 20 7.52 1.29 -0.27
C ILE A 20 7.95 2.71 -0.41
N ASN A 21 8.25 3.13 -1.66
CA ASN A 21 8.59 4.49 -1.97
C ASN A 21 7.48 5.46 -1.77
N GLY A 22 6.39 5.25 -2.51
CA GLY A 22 5.38 6.29 -2.64
C GLY A 22 4.52 6.44 -1.43
N LEU A 23 4.60 5.51 -0.48
CA LEU A 23 3.95 5.67 0.79
C LEU A 23 4.55 6.80 1.56
N LYS A 24 5.88 7.00 1.45
CA LYS A 24 6.58 8.03 2.17
C LYS A 24 6.16 9.35 1.60
N LYS A 25 5.95 9.37 0.27
CA LYS A 25 5.51 10.54 -0.43
C LYS A 25 4.11 10.90 -0.02
N ALA A 26 3.29 9.87 0.29
CA ALA A 26 1.91 10.06 0.65
C ALA A 26 1.79 10.54 2.06
N GLY A 27 2.65 10.02 2.96
CA GLY A 27 2.67 10.43 4.35
C GLY A 27 2.05 9.33 5.14
N ILE A 28 2.28 8.09 4.69
CA ILE A 28 1.73 6.91 5.28
C ILE A 28 2.94 6.21 5.86
N GLU A 29 3.80 5.67 4.98
CA GLU A 29 4.99 4.89 5.27
C GLU A 29 4.68 3.86 6.30
N LEU A 30 3.66 3.04 6.01
CA LEU A 30 3.05 2.24 7.02
C LEU A 30 2.99 0.81 6.57
N ASP A 31 2.86 0.56 5.24
CA ASP A 31 2.82 -0.78 4.73
C ASP A 31 4.24 -1.21 4.62
N ARG A 32 4.70 -1.91 5.67
CA ARG A 32 5.99 -2.50 5.67
C ARG A 32 5.74 -3.68 6.52
N LYS A 33 4.82 -3.50 7.50
CA LYS A 33 4.38 -4.50 8.39
C LYS A 33 3.45 -3.79 9.31
N ILE A 34 2.30 -4.45 9.56
CA ILE A 34 1.41 -4.31 10.69
C ILE A 34 0.37 -3.29 10.33
N LEU A 35 0.51 -2.70 9.13
CA LEU A 35 -0.59 -1.98 8.53
C LEU A 35 -1.24 -2.99 7.77
N ALA A 36 -0.43 -3.95 7.32
CA ALA A 36 -0.77 -5.06 6.48
C ALA A 36 -1.85 -5.89 7.05
N ASP A 37 -2.12 -5.67 8.34
CA ASP A 37 -3.31 -6.12 8.96
C ASP A 37 -4.48 -5.62 8.18
N MET A 38 -4.54 -4.31 7.95
CA MET A 38 -5.63 -3.72 7.23
C MET A 38 -5.55 -4.16 5.79
N ALA A 39 -4.35 -4.46 5.26
CA ALA A 39 -4.20 -4.76 3.85
C ALA A 39 -4.99 -5.97 3.43
N VAL A 40 -5.22 -6.92 4.36
CA VAL A 40 -5.98 -8.09 4.05
C VAL A 40 -7.33 -7.93 4.69
N ARG A 41 -7.31 -7.56 5.99
CA ARG A 41 -8.44 -7.75 6.86
C ARG A 41 -9.43 -6.61 6.73
N ASP A 42 -8.96 -5.39 6.35
CA ASP A 42 -9.79 -4.22 6.19
C ASP A 42 -9.61 -3.65 4.80
N PRO A 43 -10.25 -4.14 3.77
CA PRO A 43 -9.94 -3.76 2.42
C PRO A 43 -10.54 -2.41 2.11
N GLN A 44 -11.37 -1.85 3.01
CA GLN A 44 -11.93 -0.54 2.81
C GLN A 44 -10.84 0.46 3.03
N ALA A 45 -10.08 0.30 4.13
CA ALA A 45 -9.07 1.22 4.51
C ALA A 45 -7.83 0.91 3.73
N PHE A 46 -7.63 -0.37 3.36
CA PHE A 46 -6.62 -0.67 2.37
C PHE A 46 -6.81 0.11 1.09
N GLU A 47 -8.06 0.26 0.60
CA GLU A 47 -8.29 1.01 -0.60
C GLU A 47 -8.03 2.48 -0.44
N GLN A 48 -8.06 3.01 0.80
CA GLN A 48 -7.76 4.39 1.04
C GLN A 48 -6.30 4.64 0.90
N VAL A 49 -5.48 3.67 1.36
CA VAL A 49 -4.04 3.77 1.35
C VAL A 49 -3.59 3.78 -0.07
N VAL A 50 -4.21 2.90 -0.87
CA VAL A 50 -3.91 2.71 -2.26
C VAL A 50 -4.34 3.92 -3.04
N ASN A 51 -5.42 4.59 -2.59
CA ASN A 51 -5.93 5.76 -3.26
C ASN A 51 -4.97 6.90 -3.09
N LYS A 52 -4.31 6.98 -1.92
CA LYS A 52 -3.39 8.04 -1.64
C LYS A 52 -2.09 7.84 -2.35
N VAL A 53 -1.67 6.58 -2.58
CA VAL A 53 -0.45 6.23 -3.28
C VAL A 53 -0.76 6.01 -4.71
N LYS A 54 -2.01 6.18 -5.11
CA LYS A 54 -2.23 6.39 -6.50
C LYS A 54 -1.84 7.81 -6.68
N GLU A 55 -2.23 8.69 -5.74
CA GLU A 55 -1.92 10.08 -5.85
C GLU A 55 -0.48 10.39 -5.61
N ALA A 56 0.23 9.52 -4.90
CA ALA A 56 1.55 9.85 -4.48
C ALA A 56 2.51 9.31 -5.48
N LEU A 57 2.01 8.58 -6.49
CA LEU A 57 2.91 8.11 -7.55
C LEU A 57 2.54 8.77 -8.80
N GLN A 58 1.29 8.46 -9.14
CA GLN A 58 0.90 8.32 -10.52
C GLN A 58 0.47 9.69 -10.86
N VAL A 59 -0.05 10.34 -9.81
CA VAL A 59 -0.63 11.62 -9.95
C VAL A 59 0.32 12.53 -9.24
N GLN A 60 1.31 11.95 -8.52
CA GLN A 60 2.27 12.84 -7.93
C GLN A 60 3.02 13.43 -9.13
N TRP A 1 2.92 -9.99 8.32
CA TRP A 1 2.68 -8.67 7.70
C TRP A 1 3.79 -8.30 6.76
N ILE A 2 3.94 -9.07 5.65
CA ILE A 2 5.05 -8.93 4.74
C ILE A 2 4.64 -9.31 3.36
N ALA A 3 4.14 -10.56 3.24
CA ALA A 3 3.77 -11.17 2.00
C ALA A 3 2.30 -11.03 2.00
N ARG A 4 1.81 -10.38 3.06
CA ARG A 4 0.45 -9.99 3.19
C ARG A 4 0.29 -8.78 2.34
N ILE A 5 1.30 -7.88 2.40
CA ILE A 5 1.38 -6.65 1.70
C ILE A 5 1.69 -6.94 0.29
N ASN A 6 2.63 -7.87 0.05
CA ASN A 6 3.01 -8.22 -1.28
C ASN A 6 1.83 -8.78 -2.00
N ALA A 7 1.05 -9.59 -1.27
CA ALA A 7 -0.09 -10.25 -1.84
C ALA A 7 -1.20 -9.28 -2.06
N ALA A 8 -1.26 -8.18 -1.30
CA ALA A 8 -2.37 -7.28 -1.45
C ALA A 8 -2.18 -6.38 -2.63
N VAL A 9 -0.91 -6.01 -2.93
CA VAL A 9 -0.63 -4.94 -3.84
C VAL A 9 -0.42 -5.44 -5.24
N ARG A 10 -0.33 -6.78 -5.41
CA ARG A 10 0.11 -7.34 -6.67
C ARG A 10 -1.00 -7.35 -7.67
N ALA A 11 -2.22 -7.00 -7.22
CA ALA A 11 -3.36 -6.90 -8.07
C ALA A 11 -3.19 -5.72 -8.97
N TYR A 12 -2.59 -4.63 -8.45
CA TYR A 12 -2.55 -3.38 -9.14
C TYR A 12 -1.46 -3.41 -10.16
N GLY A 13 -0.27 -3.90 -9.76
CA GLY A 13 0.89 -3.86 -10.61
C GLY A 13 2.05 -3.50 -9.75
N LEU A 14 1.76 -3.07 -8.52
CA LEU A 14 2.74 -2.75 -7.52
C LEU A 14 3.27 -4.04 -7.03
N ASN A 15 4.55 -4.00 -6.62
CA ASN A 15 5.26 -5.19 -6.26
C ASN A 15 5.78 -5.06 -4.87
N TYR A 16 5.14 -4.15 -4.08
CA TYR A 16 5.47 -3.82 -2.71
C TYR A 16 6.53 -2.78 -2.70
N SER A 17 7.43 -2.74 -3.71
CA SER A 17 8.62 -1.93 -3.64
C SER A 17 8.30 -0.52 -3.99
N THR A 18 7.43 -0.35 -5.00
CA THR A 18 7.11 0.93 -5.52
C THR A 18 6.04 1.52 -4.67
N PHE A 19 5.28 0.63 -4.02
CA PHE A 19 4.24 1.05 -3.13
C PHE A 19 4.93 1.70 -1.99
N ILE A 20 6.01 1.04 -1.51
CA ILE A 20 6.83 1.44 -0.41
C ILE A 20 7.35 2.82 -0.63
N ASN A 21 7.78 3.12 -1.87
CA ASN A 21 8.44 4.36 -2.14
C ASN A 21 7.50 5.49 -2.01
N GLY A 22 6.36 5.33 -2.69
CA GLY A 22 5.38 6.39 -2.75
C GLY A 22 4.59 6.52 -1.48
N LEU A 23 4.74 5.58 -0.52
CA LEU A 23 4.24 5.82 0.81
C LEU A 23 4.91 6.99 1.45
N LYS A 24 6.21 7.20 1.17
CA LYS A 24 6.99 8.22 1.82
C LYS A 24 6.49 9.55 1.34
N LYS A 25 6.13 9.60 0.04
CA LYS A 25 5.59 10.77 -0.57
C LYS A 25 4.24 11.09 -0.02
N ALA A 26 3.46 10.04 0.34
CA ALA A 26 2.13 10.23 0.86
C ALA A 26 2.22 10.78 2.26
N GLY A 27 2.95 10.08 3.14
CA GLY A 27 3.15 10.48 4.50
C GLY A 27 2.59 9.42 5.38
N ILE A 28 2.64 8.17 4.90
CA ILE A 28 2.11 7.02 5.56
C ILE A 28 3.35 6.37 6.11
N GLU A 29 4.17 5.81 5.19
CA GLU A 29 5.36 5.01 5.42
C GLU A 29 5.18 4.08 6.58
N LEU A 30 4.21 3.16 6.43
CA LEU A 30 3.70 2.43 7.53
C LEU A 30 3.71 0.96 7.19
N ASP A 31 3.62 0.62 5.88
CA ASP A 31 3.69 -0.76 5.47
C ASP A 31 5.13 -1.13 5.60
N ARG A 32 5.32 -2.38 6.04
CA ARG A 32 6.57 -3.08 6.11
C ARG A 32 6.15 -4.16 7.03
N LYS A 33 5.18 -3.79 7.89
CA LYS A 33 4.69 -4.61 8.92
C LYS A 33 3.63 -3.77 9.54
N ILE A 34 2.42 -4.35 9.56
CA ILE A 34 1.34 -4.01 10.43
C ILE A 34 0.72 -2.75 9.92
N LEU A 35 -0.14 -3.01 8.92
CA LEU A 35 -0.88 -2.06 8.16
C LEU A 35 -1.36 -2.97 7.14
N ALA A 36 -0.45 -3.92 6.87
CA ALA A 36 -0.68 -5.12 6.14
C ALA A 36 -1.80 -5.90 6.74
N ASP A 37 -2.11 -5.63 8.03
CA ASP A 37 -3.28 -6.13 8.64
C ASP A 37 -4.45 -5.56 7.95
N MET A 38 -4.45 -4.24 7.77
CA MET A 38 -5.54 -3.64 7.03
C MET A 38 -5.52 -4.09 5.59
N ALA A 39 -4.34 -4.42 5.03
CA ALA A 39 -4.22 -4.69 3.62
C ALA A 39 -5.06 -5.85 3.18
N VAL A 40 -5.25 -6.84 4.07
CA VAL A 40 -6.00 -8.01 3.74
C VAL A 40 -7.33 -7.89 4.42
N ARG A 41 -7.30 -7.53 5.71
CA ARG A 41 -8.42 -7.72 6.60
C ARG A 41 -9.40 -6.59 6.52
N ASP A 42 -8.94 -5.36 6.20
CA ASP A 42 -9.79 -4.21 6.05
C ASP A 42 -9.59 -3.61 4.67
N PRO A 43 -10.17 -4.14 3.62
CA PRO A 43 -9.87 -3.73 2.28
C PRO A 43 -10.54 -2.43 1.96
N GLN A 44 -11.40 -1.91 2.87
CA GLN A 44 -11.99 -0.62 2.72
C GLN A 44 -10.92 0.38 2.94
N ALA A 45 -10.19 0.24 4.07
CA ALA A 45 -9.16 1.16 4.45
C ALA A 45 -7.94 0.94 3.60
N PHE A 46 -7.64 -0.34 3.27
CA PHE A 46 -6.60 -0.61 2.30
C PHE A 46 -6.78 0.12 1.01
N GLU A 47 -8.03 0.19 0.48
CA GLU A 47 -8.28 0.81 -0.79
C GLU A 47 -7.97 2.28 -0.72
N GLN A 48 -8.22 2.92 0.44
CA GLN A 48 -7.96 4.33 0.62
C GLN A 48 -6.51 4.62 0.60
N VAL A 49 -5.69 3.73 1.20
CA VAL A 49 -4.27 3.90 1.32
C VAL A 49 -3.69 3.83 -0.04
N VAL A 50 -4.18 2.87 -0.83
CA VAL A 50 -3.76 2.64 -2.17
C VAL A 50 -4.02 3.86 -2.98
N ASN A 51 -5.23 4.44 -2.89
CA ASN A 51 -5.61 5.55 -3.73
C ASN A 51 -4.84 6.78 -3.40
N LYS A 52 -4.42 6.92 -2.13
CA LYS A 52 -3.72 8.09 -1.67
C LYS A 52 -2.32 8.02 -2.20
N VAL A 53 -1.78 6.80 -2.34
CA VAL A 53 -0.45 6.53 -2.81
C VAL A 53 -0.43 6.43 -4.29
N LYS A 54 -1.59 6.36 -4.96
CA LYS A 54 -1.60 6.47 -6.38
C LYS A 54 -1.51 7.92 -6.71
N GLU A 55 -1.98 8.75 -5.76
CA GLU A 55 -1.99 10.16 -5.90
C GLU A 55 -0.73 10.69 -5.33
N ALA A 56 0.01 9.80 -4.65
CA ALA A 56 1.27 10.16 -4.05
C ALA A 56 2.32 9.45 -4.82
N LEU A 57 1.88 8.86 -5.95
CA LEU A 57 2.79 8.64 -7.03
C LEU A 57 2.91 9.98 -7.63
N GLN A 58 1.82 10.75 -7.42
CA GLN A 58 1.54 12.01 -8.07
C GLN A 58 1.39 11.74 -9.53
N VAL A 59 0.58 10.71 -9.84
CA VAL A 59 0.24 10.36 -11.19
C VAL A 59 -1.24 10.48 -11.25
N GLN A 60 -1.98 9.70 -10.42
CA GLN A 60 -3.40 9.62 -10.63
C GLN A 60 -4.01 10.85 -9.98
N TRP A 1 3.39 -7.41 7.43
CA TRP A 1 4.05 -6.71 6.35
C TRP A 1 5.15 -7.56 5.83
N ILE A 2 4.78 -8.54 4.97
CA ILE A 2 5.77 -9.04 4.08
C ILE A 2 5.18 -9.73 2.89
N ALA A 3 4.66 -10.97 3.06
CA ALA A 3 4.24 -11.81 1.99
C ALA A 3 2.77 -11.62 1.88
N ARG A 4 2.16 -11.19 3.00
CA ARG A 4 0.79 -10.80 3.06
C ARG A 4 0.67 -9.47 2.39
N ILE A 5 1.77 -8.71 2.40
CA ILE A 5 1.81 -7.37 1.91
C ILE A 5 2.25 -7.37 0.49
N ASN A 6 2.85 -8.48 0.05
CA ASN A 6 3.23 -8.66 -1.31
C ASN A 6 2.05 -9.23 -2.04
N ALA A 7 1.11 -9.79 -1.27
CA ALA A 7 -0.03 -10.46 -1.82
C ALA A 7 -1.10 -9.46 -2.07
N ALA A 8 -1.01 -8.32 -1.38
CA ALA A 8 -2.02 -7.30 -1.50
C ALA A 8 -1.74 -6.49 -2.72
N VAL A 9 -0.45 -6.33 -3.05
CA VAL A 9 -0.02 -5.32 -3.99
C VAL A 9 0.07 -5.87 -5.38
N ARG A 10 -0.09 -7.20 -5.55
CA ARG A 10 0.14 -7.85 -6.82
C ARG A 10 -1.11 -7.88 -7.66
N ALA A 11 -1.93 -6.81 -7.57
CA ALA A 11 -3.12 -6.67 -8.35
C ALA A 11 -2.88 -5.52 -9.27
N TYR A 12 -2.16 -4.50 -8.76
CA TYR A 12 -2.06 -3.23 -9.41
C TYR A 12 -0.97 -3.27 -10.44
N GLY A 13 0.18 -3.88 -10.07
CA GLY A 13 1.35 -3.83 -10.91
C GLY A 13 2.49 -3.45 -10.02
N LEU A 14 2.19 -3.17 -8.74
CA LEU A 14 3.19 -2.91 -7.75
C LEU A 14 3.83 -4.19 -7.41
N ASN A 15 5.10 -4.06 -7.01
CA ASN A 15 5.92 -5.18 -6.69
C ASN A 15 6.44 -5.02 -5.31
N TYR A 16 5.69 -4.25 -4.48
CA TYR A 16 6.00 -3.94 -3.10
C TYR A 16 6.99 -2.82 -3.02
N SER A 17 7.84 -2.66 -4.04
CA SER A 17 8.94 -1.73 -4.01
C SER A 17 8.45 -0.34 -4.25
N THR A 18 7.50 -0.23 -5.20
CA THR A 18 7.02 1.05 -5.61
C THR A 18 5.91 1.46 -4.69
N PHE A 19 5.30 0.46 -4.03
CA PHE A 19 4.33 0.70 -3.01
C PHE A 19 5.04 1.44 -1.93
N ILE A 20 6.22 0.91 -1.56
CA ILE A 20 7.03 1.37 -0.47
C ILE A 20 7.43 2.79 -0.68
N ASN A 21 7.79 3.14 -1.94
CA ASN A 21 8.34 4.44 -2.22
C ASN A 21 7.31 5.47 -2.05
N GLY A 22 6.14 5.17 -2.62
CA GLY A 22 5.04 6.08 -2.67
C GLY A 22 4.38 6.25 -1.33
N LEU A 23 4.59 5.31 -0.38
CA LEU A 23 4.12 5.56 0.97
C LEU A 23 4.84 6.73 1.55
N LYS A 24 6.15 6.85 1.27
CA LYS A 24 6.99 7.85 1.87
C LYS A 24 6.66 9.17 1.24
N LYS A 25 6.23 9.11 -0.04
CA LYS A 25 5.90 10.26 -0.80
C LYS A 25 4.59 10.80 -0.30
N ALA A 26 3.73 9.91 0.23
CA ALA A 26 2.45 10.25 0.77
C ALA A 26 2.64 10.87 2.13
N GLY A 27 3.38 10.19 3.01
CA GLY A 27 3.63 10.64 4.35
C GLY A 27 2.97 9.67 5.27
N ILE A 28 2.97 8.40 4.85
CA ILE A 28 2.37 7.31 5.55
C ILE A 28 3.55 6.62 6.16
N GLU A 29 4.49 6.18 5.28
CA GLU A 29 5.64 5.33 5.53
C GLU A 29 5.47 4.50 6.75
N LEU A 30 4.65 3.45 6.58
CA LEU A 30 4.12 2.72 7.68
C LEU A 30 4.47 1.29 7.41
N ASP A 31 3.51 0.36 7.60
CA ASP A 31 3.59 -1.03 7.23
C ASP A 31 4.57 -1.74 8.09
N ARG A 32 4.08 -2.41 9.15
CA ARG A 32 4.92 -3.36 9.81
C ARG A 32 3.99 -4.25 10.58
N LYS A 33 3.07 -4.89 9.83
CA LYS A 33 1.98 -5.69 10.29
C LYS A 33 1.09 -4.73 10.97
N ILE A 34 0.55 -3.83 10.14
CA ILE A 34 -0.10 -2.65 10.60
C ILE A 34 -1.08 -2.40 9.51
N LEU A 35 -0.55 -2.36 8.28
CA LEU A 35 -1.32 -1.93 7.17
C LEU A 35 -1.59 -3.19 6.46
N ALA A 36 -0.62 -4.08 6.65
CA ALA A 36 -0.69 -5.46 6.31
C ALA A 36 -1.85 -6.10 6.96
N ASP A 37 -2.18 -5.64 8.18
CA ASP A 37 -3.44 -5.94 8.75
C ASP A 37 -4.52 -5.49 7.85
N MET A 38 -4.60 -4.18 7.62
CA MET A 38 -5.76 -3.62 7.00
C MET A 38 -5.93 -4.10 5.56
N ALA A 39 -4.88 -4.69 4.95
CA ALA A 39 -4.95 -5.32 3.65
C ALA A 39 -5.97 -6.42 3.65
N VAL A 40 -5.96 -7.23 4.73
CA VAL A 40 -6.83 -8.37 4.83
C VAL A 40 -8.10 -7.90 5.48
N ARG A 41 -7.99 -7.39 6.72
CA ARG A 41 -9.11 -7.28 7.60
C ARG A 41 -9.90 -6.01 7.42
N ASP A 42 -9.29 -4.92 6.90
CA ASP A 42 -10.00 -3.69 6.62
C ASP A 42 -9.81 -3.27 5.18
N PRO A 43 -10.33 -3.93 4.18
CA PRO A 43 -9.93 -3.73 2.81
C PRO A 43 -10.52 -2.45 2.29
N GLN A 44 -11.44 -1.81 3.04
CA GLN A 44 -11.99 -0.54 2.68
C GLN A 44 -10.92 0.50 2.86
N ALA A 45 -10.17 0.39 3.97
CA ALA A 45 -9.21 1.39 4.34
C ALA A 45 -7.94 1.08 3.62
N PHE A 46 -7.70 -0.23 3.36
CA PHE A 46 -6.63 -0.58 2.45
C PHE A 46 -6.74 0.15 1.14
N GLU A 47 -7.93 0.16 0.52
CA GLU A 47 -8.08 0.80 -0.77
C GLU A 47 -7.96 2.29 -0.67
N GLN A 48 -8.22 2.88 0.52
CA GLN A 48 -8.08 4.30 0.69
C GLN A 48 -6.64 4.70 0.74
N VAL A 49 -5.77 3.83 1.26
CA VAL A 49 -4.36 4.09 1.34
C VAL A 49 -3.81 4.02 -0.04
N VAL A 50 -4.30 3.06 -0.83
CA VAL A 50 -3.89 2.85 -2.18
C VAL A 50 -4.25 4.05 -3.00
N ASN A 51 -5.46 4.62 -2.78
CA ASN A 51 -5.91 5.77 -3.54
C ASN A 51 -5.06 6.96 -3.22
N LYS A 52 -4.65 7.09 -1.95
CA LYS A 52 -3.93 8.24 -1.47
C LYS A 52 -2.54 8.24 -2.02
N VAL A 53 -1.95 7.04 -2.23
CA VAL A 53 -0.59 6.88 -2.68
C VAL A 53 -0.52 6.92 -4.14
N LYS A 54 -1.64 6.65 -4.85
CA LYS A 54 -1.58 6.66 -6.27
C LYS A 54 -1.84 8.06 -6.69
N GLU A 55 -2.22 8.91 -5.74
CA GLU A 55 -2.46 10.28 -5.99
C GLU A 55 -1.29 11.06 -5.52
N ALA A 56 -0.64 10.52 -4.49
CA ALA A 56 0.51 11.16 -3.89
C ALA A 56 1.67 10.94 -4.79
N LEU A 57 1.63 9.81 -5.51
CA LEU A 57 2.60 9.41 -6.49
C LEU A 57 2.20 10.13 -7.71
N GLN A 58 0.87 10.32 -7.85
CA GLN A 58 0.28 10.92 -9.03
C GLN A 58 0.56 10.04 -10.20
N VAL A 59 0.35 8.72 -10.02
CA VAL A 59 0.36 7.78 -11.11
C VAL A 59 -1.08 7.65 -11.47
N GLN A 60 -1.95 8.27 -10.65
CA GLN A 60 -3.37 8.27 -10.87
C GLN A 60 -3.70 8.85 -12.25
#